data_5BPT
#
_entry.id   5BPT
#
_cell.length_a   90.469
_cell.length_b   90.469
_cell.length_c   115.593
_cell.angle_alpha   90.000
_cell.angle_beta   90.000
_cell.angle_gamma   90.000
#
_symmetry.space_group_name_H-M   'P 41'
#
_entity_poly.entity_id   1
_entity_poly.type   'polypeptide(L)'
_entity_poly.pdbx_seq_one_letter_code
;(MSE)PPFRQVGEKQLPHEIIFLAWSPKRDLIALVNKAGEVLLHRLANIQRVWSLPPNENTGKEVTCLAWRPDGKILAFG
LADTKKVILCDVEKPESLHSFSLETPISC(MSE)QW(MSE)EVNVENSVLTSFYNAEDEANVLLPKLPALPKNYTATAKI
FSEEKSDEILKLLGDARLNALVLGGDSGQIEIYAYG(MSE)YKIATISEVYGSCLRLCLSSDLKSLSVVTELTTNNTPEI
TYFQLDTSLLSDYLPEVTR(MSE)ARKFTHISTLLQYLQLSLTC(MSE)CEAWEEIL(MSE)Q(MSE)DSRLTKFVQEKN
TTTSVQDEF(MSE)QLLLWGKASPELQTLL(MSE)NQLTVKGLKKLGQSVESSYSTIQKLVISHLQSGAEALLYHLSELK
G(MSE)ALWRQKYEPLGLDAKAIEDAITAVGSFILKAHELLQVIDSG(MSE)KNFKAFFRWLYVA(MSE)LR(MSE)SED
HVLPELNK(MSE)TQKDITFVADFLTEHFNEAPD(MSE)YNQKGKYFNVERVGQYLKDEDDIL(MSE)SPPNIEGNQWFS
FLQSSTHLKESPLLFPYYPEKSLHFVKRQ(MSE)EAIIDRCLTKPAQIIGASVQQKRCLPLYQVSASEEACPRLISLPYL
WNDKSQNLHCV(MSE)FR(MSE)LESSSSKVFILRQPTDLSRSINEALLAVTIGNSLNSSAAEDTETSSYSCLDARFYDE
DIITVVLRDNSEPEGKDRVLSQLSLSQLYSDEETEDEFTWDTSKRLEEQHSDIPTRTVFLENQGRLLEN(MSE)KAHYVS
VNGIRKVACVLSSNLRHVRVFE(MSE)DA
;
_entity_poly.pdbx_strand_id   A
#
# COMPACT_ATOMS: atom_id res chain seq x y z
N PRO A 2 1.55 -17.14 -34.73
CA PRO A 2 0.17 -17.61 -34.88
C PRO A 2 -0.64 -17.80 -33.59
N PRO A 3 -0.07 -18.13 -32.39
CA PRO A 3 -0.94 -18.34 -31.22
C PRO A 3 -1.44 -17.06 -30.55
N PHE A 4 -0.56 -16.06 -30.40
CA PHE A 4 -0.90 -14.81 -29.73
C PHE A 4 -0.84 -13.62 -30.68
N ARG A 5 -1.56 -12.53 -30.35
CA ARG A 5 -1.66 -11.34 -31.20
C ARG A 5 -0.88 -10.15 -30.65
N GLN A 6 0.03 -9.61 -31.48
CA GLN A 6 0.88 -8.44 -31.20
C GLN A 6 -0.02 -7.20 -31.11
N VAL A 7 0.03 -6.49 -29.98
CA VAL A 7 -0.79 -5.30 -29.73
C VAL A 7 0.05 -4.02 -29.86
N GLY A 8 1.34 -4.11 -29.50
CA GLY A 8 2.27 -2.99 -29.55
C GLY A 8 3.72 -3.37 -29.34
N GLU A 9 4.63 -2.48 -29.77
CA GLU A 9 6.09 -2.63 -29.68
C GLU A 9 6.70 -1.25 -29.48
N LYS A 10 7.37 -1.02 -28.34
CA LYS A 10 7.98 0.28 -28.04
C LYS A 10 9.34 0.16 -27.37
N GLN A 11 10.30 1.02 -27.77
CA GLN A 11 11.63 1.08 -27.18
C GLN A 11 11.57 2.14 -26.08
N LEU A 12 11.56 1.70 -24.81
CA LEU A 12 11.51 2.58 -23.64
C LEU A 12 12.80 3.42 -23.56
N PRO A 13 12.71 4.75 -23.30
CA PRO A 13 13.94 5.58 -23.27
C PRO A 13 14.99 5.13 -22.27
N HIS A 14 14.56 4.84 -21.03
CA HIS A 14 15.41 4.38 -19.94
C HIS A 14 15.09 2.94 -19.58
N GLU A 15 16.01 2.29 -18.85
CA GLU A 15 15.89 0.92 -18.39
C GLU A 15 14.76 0.73 -17.35
N ILE A 16 14.14 -0.46 -17.32
CA ILE A 16 13.03 -0.78 -16.43
C ILE A 16 13.49 -1.74 -15.33
N ILE A 17 13.19 -1.43 -14.05
CA ILE A 17 13.60 -2.27 -12.93
C ILE A 17 12.40 -2.99 -12.28
N PHE A 18 11.17 -2.62 -12.65
CA PHE A 18 9.94 -3.27 -12.19
C PHE A 18 8.82 -3.18 -13.20
N LEU A 19 8.13 -4.30 -13.43
CA LEU A 19 7.05 -4.45 -14.40
C LEU A 19 5.84 -5.13 -13.72
N ALA A 20 4.62 -4.54 -13.87
CA ALA A 20 3.39 -5.06 -13.27
C ALA A 20 2.13 -4.65 -14.03
N TRP A 21 1.18 -5.60 -14.20
CA TRP A 21 -0.10 -5.34 -14.88
C TRP A 21 -1.18 -4.98 -13.89
N SER A 22 -2.14 -4.12 -14.31
CA SER A 22 -3.29 -3.76 -13.48
C SER A 22 -4.20 -5.00 -13.43
N PRO A 23 -4.74 -5.37 -12.25
CA PRO A 23 -5.57 -6.57 -12.18
C PRO A 23 -6.96 -6.46 -12.81
N LYS A 24 -7.49 -5.22 -12.96
CA LYS A 24 -8.83 -4.99 -13.52
C LYS A 24 -8.83 -4.26 -14.87
N ARG A 25 -7.78 -3.48 -15.17
CA ARG A 25 -7.66 -2.74 -16.43
C ARG A 25 -6.47 -3.22 -17.26
N ASP A 26 -6.43 -2.82 -18.54
CA ASP A 26 -5.34 -3.18 -19.47
C ASP A 26 -4.24 -2.11 -19.42
N LEU A 27 -3.79 -1.76 -18.20
CA LEU A 27 -2.75 -0.79 -17.90
C LEU A 27 -1.54 -1.46 -17.27
N ILE A 28 -0.33 -1.01 -17.64
CA ILE A 28 0.92 -1.57 -17.10
C ILE A 28 1.75 -0.47 -16.43
N ALA A 29 2.05 -0.66 -15.14
CA ALA A 29 2.86 0.24 -14.33
C ALA A 29 4.31 -0.23 -14.36
N LEU A 30 5.26 0.71 -14.50
CA LEU A 30 6.69 0.38 -14.56
C LEU A 30 7.62 1.45 -13.99
N VAL A 31 8.76 1.02 -13.38
CA VAL A 31 9.78 1.89 -12.80
C VAL A 31 10.88 2.11 -13.86
N ASN A 32 11.26 3.38 -14.09
CA ASN A 32 12.16 3.82 -15.16
C ASN A 32 13.68 3.89 -14.82
N LYS A 33 14.15 3.28 -13.70
CA LYS A 33 15.57 3.28 -13.26
C LYS A 33 16.16 4.70 -12.98
N ALA A 34 15.42 5.75 -13.40
CA ALA A 34 15.72 7.15 -13.17
C ALA A 34 14.97 7.61 -11.91
N GLY A 35 14.19 6.67 -11.36
CA GLY A 35 13.37 6.86 -10.16
C GLY A 35 11.96 7.29 -10.49
N GLU A 36 11.62 7.35 -11.78
CA GLU A 36 10.29 7.76 -12.22
C GLU A 36 9.39 6.57 -12.50
N VAL A 37 8.12 6.69 -12.08
CA VAL A 37 7.10 5.67 -12.29
C VAL A 37 6.16 6.15 -13.40
N LEU A 38 5.96 5.30 -14.42
CA LEU A 38 5.13 5.62 -15.58
C LEU A 38 4.04 4.59 -15.84
N LEU A 39 2.90 5.04 -16.40
CA LEU A 39 1.77 4.18 -16.74
C LEU A 39 1.61 4.08 -18.25
N HIS A 40 1.34 2.86 -18.73
CA HIS A 40 1.17 2.57 -20.16
C HIS A 40 -0.10 1.78 -20.46
N ARG A 41 -0.79 2.17 -21.54
CA ARG A 41 -2.00 1.50 -22.05
C ARG A 41 -1.57 0.23 -22.83
N LEU A 42 -2.49 -0.73 -23.05
CA LEU A 42 -2.18 -1.95 -23.79
C LEU A 42 -1.92 -1.67 -25.28
N ALA A 43 -2.85 -0.95 -25.93
CA ALA A 43 -2.79 -0.60 -27.35
C ALA A 43 -1.61 0.31 -27.68
N ASN A 44 -0.65 -0.23 -28.45
CA ASN A 44 0.59 0.42 -28.91
C ASN A 44 1.53 0.91 -27.77
N ILE A 45 1.28 0.46 -26.52
CA ILE A 45 2.04 0.81 -25.30
C ILE A 45 2.13 2.35 -25.16
N GLN A 46 0.96 3.02 -25.19
CA GLN A 46 0.86 4.47 -25.10
C GLN A 46 1.02 4.95 -23.67
N ARG A 47 1.94 5.91 -23.43
CA ARG A 47 2.18 6.49 -22.12
C ARG A 47 0.98 7.32 -21.67
N VAL A 48 0.35 6.89 -20.55
CA VAL A 48 -0.81 7.56 -19.97
C VAL A 48 -0.28 8.78 -19.22
N TRP A 49 0.65 8.57 -18.27
CA TRP A 49 1.27 9.64 -17.49
C TRP A 49 2.71 9.30 -17.09
N SER A 50 3.39 10.27 -16.46
CA SER A 50 4.76 10.15 -15.97
C SER A 50 4.89 10.94 -14.66
N LEU A 51 5.31 10.26 -13.59
CA LEU A 51 5.49 10.87 -12.27
C LEU A 51 6.98 11.16 -12.06
N PRO A 52 7.45 12.44 -12.13
CA PRO A 52 8.88 12.70 -11.95
C PRO A 52 9.38 12.50 -10.51
N PRO A 53 10.61 11.96 -10.31
CA PRO A 53 11.09 11.77 -8.93
C PRO A 53 11.65 13.07 -8.36
N ASN A 54 11.10 13.51 -7.22
CA ASN A 54 11.51 14.75 -6.56
C ASN A 54 12.04 14.49 -5.16
N GLU A 55 13.09 15.24 -4.75
CA GLU A 55 13.73 15.15 -3.43
C GLU A 55 12.73 15.32 -2.28
N ASN A 56 11.66 16.11 -2.52
CA ASN A 56 10.59 16.43 -1.57
C ASN A 56 9.79 15.18 -1.15
N THR A 57 9.32 14.37 -2.13
CA THR A 57 8.52 13.16 -1.86
C THR A 57 9.16 11.87 -2.46
N GLY A 58 10.41 11.63 -2.10
CA GLY A 58 11.17 10.45 -2.52
C GLY A 58 11.70 10.45 -3.94
N LYS A 59 13.00 10.09 -4.08
CA LYS A 59 13.70 10.00 -5.37
C LYS A 59 13.87 8.56 -5.84
N GLU A 60 14.35 7.66 -4.95
CA GLU A 60 14.57 6.24 -5.28
C GLU A 60 13.34 5.36 -4.99
N VAL A 61 12.60 4.99 -6.05
CA VAL A 61 11.45 4.09 -5.97
C VAL A 61 11.91 2.67 -6.34
N THR A 62 11.74 1.71 -5.42
CA THR A 62 12.23 0.34 -5.60
C THR A 62 11.17 -0.67 -6.06
N CYS A 63 9.88 -0.45 -5.75
CA CYS A 63 8.80 -1.37 -6.11
C CYS A 63 7.43 -0.69 -6.27
N LEU A 64 6.49 -1.40 -6.92
CA LEU A 64 5.11 -0.96 -7.16
C LEU A 64 4.14 -2.01 -6.62
N ALA A 65 2.87 -1.62 -6.48
CA ALA A 65 1.79 -2.48 -6.02
C ALA A 65 0.47 -1.98 -6.55
N TRP A 66 -0.25 -2.85 -7.25
CA TRP A 66 -1.56 -2.58 -7.81
C TRP A 66 -2.60 -3.03 -6.79
N ARG A 67 -3.52 -2.13 -6.41
CA ARG A 67 -4.60 -2.44 -5.48
C ARG A 67 -5.62 -3.31 -6.23
N PRO A 68 -6.19 -4.39 -5.62
CA PRO A 68 -7.17 -5.22 -6.37
C PRO A 68 -8.27 -4.38 -7.05
N ASP A 69 -8.76 -3.32 -6.37
CA ASP A 69 -9.68 -2.34 -6.95
C ASP A 69 -8.67 -1.41 -7.62
N GLY A 70 -8.37 -1.69 -8.89
CA GLY A 70 -7.34 -1.04 -9.69
C GLY A 70 -7.36 0.47 -9.87
N LYS A 71 -8.01 1.20 -8.95
CA LYS A 71 -8.11 2.65 -8.96
C LYS A 71 -7.00 3.35 -8.18
N ILE A 72 -6.34 2.62 -7.27
CA ILE A 72 -5.24 3.12 -6.45
C ILE A 72 -3.97 2.30 -6.70
N LEU A 73 -2.84 3.01 -6.80
CA LEU A 73 -1.53 2.42 -7.06
C LEU A 73 -0.56 2.91 -6.00
N ALA A 74 0.13 1.98 -5.33
CA ALA A 74 1.09 2.33 -4.29
C ALA A 74 2.50 1.93 -4.67
N PHE A 75 3.48 2.73 -4.27
CA PHE A 75 4.89 2.47 -4.52
C PHE A 75 5.78 2.93 -3.37
N GLY A 76 6.81 2.14 -3.08
CA GLY A 76 7.74 2.37 -1.99
C GLY A 76 9.05 3.03 -2.37
N LEU A 77 9.54 3.91 -1.49
CA LEU A 77 10.78 4.65 -1.67
C LEU A 77 11.78 4.23 -0.58
N ALA A 78 12.89 3.58 -0.99
CA ALA A 78 13.94 3.09 -0.10
C ALA A 78 14.73 4.20 0.59
N ASP A 79 15.03 5.28 -0.14
CA ASP A 79 15.80 6.44 0.34
C ASP A 79 15.09 7.24 1.44
N THR A 80 13.84 7.70 1.20
CA THR A 80 13.05 8.49 2.15
C THR A 80 12.28 7.62 3.16
N LYS A 81 12.36 6.28 3.02
CA LYS A 81 11.68 5.29 3.86
C LYS A 81 10.18 5.57 3.99
N LYS A 82 9.49 5.71 2.85
CA LYS A 82 8.05 5.99 2.81
C LYS A 82 7.32 5.37 1.61
N VAL A 83 6.04 5.01 1.82
CA VAL A 83 5.14 4.44 0.83
C VAL A 83 4.07 5.49 0.51
N ILE A 84 3.97 5.87 -0.77
CA ILE A 84 3.00 6.88 -1.21
C ILE A 84 1.93 6.23 -2.09
N LEU A 85 0.66 6.38 -1.69
CA LEU A 85 -0.53 5.86 -2.37
C LEU A 85 -1.10 6.98 -3.23
N CYS A 86 -1.21 6.76 -4.55
CA CYS A 86 -1.73 7.76 -5.48
C CYS A 86 -2.77 7.18 -6.45
N ASP A 87 -3.58 8.06 -7.06
CA ASP A 87 -4.62 7.66 -8.03
C ASP A 87 -3.99 7.15 -9.33
N VAL A 88 -4.76 6.38 -10.12
CA VAL A 88 -4.28 5.82 -11.40
C VAL A 88 -4.57 6.78 -12.55
N GLU A 89 -5.53 7.70 -12.33
CA GLU A 89 -5.97 8.71 -13.29
C GLU A 89 -5.14 9.98 -13.14
N LYS A 90 -4.92 10.43 -11.89
CA LYS A 90 -4.14 11.63 -11.56
C LYS A 90 -2.80 11.21 -10.93
N PRO A 91 -1.67 11.90 -11.21
CA PRO A 91 -0.41 11.52 -10.56
C PRO A 91 -0.38 11.81 -9.05
N GLU A 92 -1.24 12.75 -8.59
CA GLU A 92 -1.39 13.24 -7.21
C GLU A 92 -1.56 12.13 -6.16
N SER A 93 -0.82 12.23 -5.04
CA SER A 93 -0.88 11.27 -3.93
C SER A 93 -2.06 11.52 -3.01
N LEU A 94 -2.82 10.45 -2.74
CA LEU A 94 -3.99 10.48 -1.87
C LEU A 94 -3.61 10.18 -0.42
N HIS A 95 -2.54 9.38 -0.21
CA HIS A 95 -2.04 9.00 1.12
C HIS A 95 -0.53 8.74 1.13
N SER A 96 0.09 8.83 2.33
CA SER A 96 1.52 8.61 2.58
C SER A 96 1.79 8.22 4.04
N PHE A 97 2.80 7.36 4.26
CA PHE A 97 3.24 6.91 5.58
C PHE A 97 4.70 6.47 5.60
N SER A 98 5.42 6.77 6.69
CA SER A 98 6.83 6.41 6.84
C SER A 98 7.00 4.98 7.37
N LEU A 99 8.08 4.32 6.93
CA LEU A 99 8.39 2.93 7.29
C LEU A 99 9.64 2.82 8.15
N GLU A 100 9.65 1.84 9.06
CA GLU A 100 10.74 1.56 9.99
C GLU A 100 12.07 1.23 9.32
N THR A 101 12.02 0.57 8.15
CA THR A 101 13.17 0.10 7.39
C THR A 101 13.02 0.40 5.87
N PRO A 102 14.11 0.60 5.07
CA PRO A 102 13.91 0.89 3.63
C PRO A 102 13.31 -0.28 2.86
N ILE A 103 12.35 0.01 1.95
CA ILE A 103 11.62 -1.00 1.16
C ILE A 103 12.52 -1.80 0.22
N SER A 104 12.22 -3.10 0.12
CA SER A 104 12.91 -4.11 -0.70
C SER A 104 11.93 -4.61 -1.77
N CYS A 105 10.74 -5.10 -1.34
CA CYS A 105 9.68 -5.59 -2.22
C CYS A 105 8.28 -5.25 -1.67
N MSE A 106 7.24 -5.45 -2.49
CA MSE A 106 5.86 -5.08 -2.15
C MSE A 106 4.82 -6.08 -2.66
O MSE A 106 5.05 -6.74 -3.68
CB MSE A 106 5.57 -3.73 -2.81
CG MSE A 106 4.64 -2.83 -2.04
SE MSE A 106 4.65 -1.12 -2.94
CE MSE A 106 3.73 -0.07 -1.65
N GLN A 107 3.67 -6.16 -1.98
CA GLN A 107 2.56 -7.00 -2.38
C GLN A 107 1.22 -6.44 -1.91
N TRP A 108 0.25 -6.31 -2.83
CA TRP A 108 -1.10 -5.87 -2.50
C TRP A 108 -2.08 -6.99 -2.86
N MSE A 109 -2.56 -7.68 -1.82
CA MSE A 109 -3.46 -8.82 -1.95
C MSE A 109 -4.81 -8.55 -1.25
O MSE A 109 -4.91 -7.63 -0.44
CB MSE A 109 -2.72 -10.09 -1.41
CG MSE A 109 -3.45 -10.93 -0.36
SE MSE A 109 -3.65 -10.08 1.39
CE MSE A 109 -5.03 -11.23 2.12
N GLU A 110 -5.84 -9.36 -1.58
CA GLU A 110 -7.16 -9.32 -0.94
C GLU A 110 -7.65 -10.74 -0.66
N VAL A 111 -8.41 -10.92 0.45
CA VAL A 111 -8.93 -12.24 0.87
C VAL A 111 -9.87 -12.86 -0.15
N ASN A 112 -9.68 -14.16 -0.45
CA ASN A 112 -10.53 -14.90 -1.39
C ASN A 112 -11.75 -15.49 -0.67
N VAL A 113 -11.71 -15.51 0.67
CA VAL A 113 -12.79 -16.03 1.50
C VAL A 113 -13.89 -14.98 1.69
N GLU A 114 -15.14 -15.40 1.52
CA GLU A 114 -16.33 -14.55 1.66
C GLU A 114 -17.47 -15.41 2.21
N ASN A 115 -17.29 -15.88 3.45
CA ASN A 115 -18.18 -16.79 4.14
C ASN A 115 -19.05 -16.13 5.22
N SER A 116 -20.38 -16.37 5.10
CA SER A 116 -21.49 -16.02 5.98
C SER A 116 -21.39 -14.66 6.70
N VAL A 117 -20.72 -14.62 7.89
CA VAL A 117 -20.58 -13.43 8.73
C VAL A 117 -19.72 -12.33 8.06
N LEU A 118 -18.80 -12.71 7.14
CA LEU A 118 -17.99 -11.74 6.40
C LEU A 118 -18.91 -10.96 5.45
N THR A 119 -19.89 -11.67 4.84
CA THR A 119 -20.89 -11.11 3.93
C THR A 119 -21.83 -10.17 4.68
N SER A 120 -22.21 -10.52 5.94
CA SER A 120 -23.06 -9.70 6.79
C SER A 120 -22.35 -8.41 7.18
N PHE A 121 -21.01 -8.47 7.36
CA PHE A 121 -20.18 -7.32 7.70
C PHE A 121 -20.10 -6.34 6.52
N TYR A 122 -19.77 -6.85 5.30
CA TYR A 122 -19.65 -6.00 4.11
C TYR A 122 -20.93 -5.18 3.92
N ASN A 123 -22.11 -5.84 4.00
CA ASN A 123 -23.43 -5.22 3.88
C ASN A 123 -23.69 -4.15 4.94
N ALA A 124 -23.18 -4.37 6.17
CA ALA A 124 -23.33 -3.44 7.29
C ALA A 124 -22.51 -2.17 7.09
N GLU A 125 -21.24 -2.32 6.67
CA GLU A 125 -20.32 -1.20 6.41
C GLU A 125 -20.79 -0.40 5.19
N ASP A 126 -21.28 -1.10 4.13
CA ASP A 126 -21.81 -0.49 2.90
C ASP A 126 -23.02 0.39 3.25
N GLU A 127 -23.86 -0.09 4.19
CA GLU A 127 -25.04 0.63 4.65
C GLU A 127 -24.70 1.70 5.67
N ALA A 128 -23.56 1.56 6.38
CA ALA A 128 -23.12 2.57 7.34
C ALA A 128 -22.67 3.84 6.62
N ASN A 129 -21.78 3.68 5.60
CA ASN A 129 -21.23 4.76 4.78
C ASN A 129 -22.28 5.47 3.95
N VAL A 130 -23.33 4.75 3.53
CA VAL A 130 -24.42 5.32 2.76
C VAL A 130 -25.43 6.07 3.67
N LEU A 131 -25.49 5.70 4.96
CA LEU A 131 -26.41 6.33 5.93
C LEU A 131 -25.80 7.50 6.68
N LEU A 132 -24.54 7.36 7.16
CA LEU A 132 -23.83 8.40 7.90
C LEU A 132 -23.58 9.65 7.06
N PRO A 133 -23.98 10.85 7.54
CA PRO A 133 -23.77 12.06 6.74
C PRO A 133 -22.31 12.39 6.49
N LYS A 134 -22.00 12.85 5.26
CA LYS A 134 -20.65 13.23 4.83
C LYS A 134 -20.14 14.43 5.62
N LEU A 135 -18.83 14.43 5.94
CA LEU A 135 -18.18 15.50 6.69
C LEU A 135 -18.24 16.83 5.94
N PRO A 136 -18.34 17.99 6.64
CA PRO A 136 -18.41 19.28 5.93
C PRO A 136 -17.22 19.52 5.01
N ALA A 137 -17.49 20.09 3.82
CA ALA A 137 -16.48 20.37 2.79
C ALA A 137 -15.43 21.38 3.25
N LEU A 138 -14.15 20.95 3.27
CA LEU A 138 -13.03 21.80 3.67
C LEU A 138 -12.72 22.83 2.56
N PRO A 139 -12.65 24.14 2.89
CA PRO A 139 -12.40 25.15 1.83
C PRO A 139 -11.05 25.05 1.14
N LYS A 140 -11.03 25.44 -0.15
CA LYS A 140 -9.84 25.44 -1.02
C LYS A 140 -8.86 26.51 -0.56
N ASN A 141 -7.86 26.09 0.24
CA ASN A 141 -6.83 26.96 0.79
C ASN A 141 -5.46 26.63 0.22
N TYR A 142 -4.59 27.66 0.15
CA TYR A 142 -3.20 27.54 -0.36
C TYR A 142 -2.35 26.70 0.59
N THR A 143 -2.69 26.72 1.91
CA THR A 143 -2.03 25.94 2.96
C THR A 143 -2.41 24.45 2.86
N ALA A 144 -3.63 24.15 2.36
CA ALA A 144 -4.16 22.79 2.19
C ALA A 144 -3.44 22.07 1.04
N THR A 145 -2.62 21.08 1.42
CA THR A 145 -1.81 20.28 0.50
C THR A 145 -2.60 19.03 0.07
N ALA A 146 -2.43 18.60 -1.21
CA ALA A 146 -3.08 17.46 -1.90
C ALA A 146 -4.59 17.66 -2.14
N LYS A 147 -5.31 18.20 -1.12
CA LYS A 147 -6.74 18.52 -1.13
C LYS A 147 -7.64 17.29 -1.42
N ILE A 148 -7.62 16.32 -0.48
CA ILE A 148 -8.41 15.09 -0.54
C ILE A 148 -9.84 15.38 -0.04
N PHE A 149 -9.96 16.25 0.97
CA PHE A 149 -11.23 16.66 1.58
C PHE A 149 -11.78 17.97 0.97
N SER A 150 -11.32 18.34 -0.24
CA SER A 150 -11.74 19.55 -0.96
C SER A 150 -13.19 19.48 -1.44
N GLU A 151 -13.73 18.25 -1.63
CA GLU A 151 -15.08 17.91 -2.10
C GLU A 151 -15.38 18.51 -3.48
N GLU A 152 -15.05 17.72 -4.52
CA GLU A 152 -15.26 18.03 -5.94
C GLU A 152 -15.78 16.75 -6.60
N LYS A 153 -17.10 16.76 -6.94
CA LYS A 153 -17.86 15.64 -7.52
C LYS A 153 -17.83 14.42 -6.56
N SER A 154 -17.17 13.32 -6.95
CA SER A 154 -17.03 12.12 -6.12
C SER A 154 -15.75 12.27 -5.29
N ASP A 155 -15.86 12.18 -3.96
CA ASP A 155 -14.73 12.36 -3.05
C ASP A 155 -13.69 11.23 -3.11
N GLU A 156 -12.41 11.60 -2.91
CA GLU A 156 -11.25 10.70 -2.93
C GLU A 156 -11.16 9.83 -1.68
N ILE A 157 -11.82 10.24 -0.58
CA ILE A 157 -11.86 9.50 0.69
C ILE A 157 -12.61 8.17 0.55
N LEU A 158 -13.60 8.12 -0.37
CA LEU A 158 -14.38 6.93 -0.67
C LEU A 158 -13.65 6.04 -1.67
N LYS A 159 -12.57 6.57 -2.27
CA LYS A 159 -11.71 5.86 -3.22
C LYS A 159 -10.57 5.21 -2.43
N LEU A 160 -9.95 5.96 -1.49
CA LEU A 160 -8.86 5.52 -0.61
C LEU A 160 -9.32 4.29 0.19
N LEU A 161 -10.49 4.41 0.85
CA LEU A 161 -11.12 3.32 1.58
C LEU A 161 -11.84 2.50 0.51
N GLY A 162 -11.27 1.36 0.15
CA GLY A 162 -11.83 0.48 -0.89
C GLY A 162 -13.06 -0.28 -0.43
N ASP A 163 -13.21 -1.52 -0.92
CA ASP A 163 -14.31 -2.39 -0.53
C ASP A 163 -14.06 -2.88 0.90
N ALA A 164 -15.15 -3.21 1.64
CA ALA A 164 -15.09 -3.71 3.01
C ALA A 164 -14.28 -5.01 3.10
N ARG A 165 -14.12 -5.73 1.96
CA ARG A 165 -13.33 -6.94 1.78
C ARG A 165 -11.86 -6.60 2.09
N LEU A 166 -11.33 -7.19 3.18
CA LEU A 166 -9.97 -6.93 3.66
C LEU A 166 -8.88 -7.16 2.62
N ASN A 167 -8.18 -6.09 2.28
CA ASN A 167 -7.04 -6.10 1.38
C ASN A 167 -5.84 -5.66 2.20
N ALA A 168 -4.70 -6.35 2.06
CA ALA A 168 -3.51 -6.03 2.83
C ALA A 168 -2.34 -5.67 1.92
N LEU A 169 -1.62 -4.61 2.30
CA LEU A 169 -0.43 -4.15 1.60
C LEU A 169 0.75 -4.60 2.46
N VAL A 170 1.44 -5.67 2.03
CA VAL A 170 2.57 -6.18 2.80
C VAL A 170 3.88 -5.63 2.20
N LEU A 171 4.72 -5.07 3.08
CA LEU A 171 5.99 -4.42 2.76
C LEU A 171 7.15 -5.21 3.33
N GLY A 172 8.21 -5.33 2.55
CA GLY A 172 9.43 -6.02 2.95
C GLY A 172 10.61 -5.07 2.99
N GLY A 173 11.55 -5.33 3.90
CA GLY A 173 12.72 -4.49 4.06
C GLY A 173 14.03 -5.11 3.62
N ASP A 174 15.10 -4.30 3.56
CA ASP A 174 16.43 -4.77 3.17
C ASP A 174 17.13 -5.51 4.34
N SER A 175 16.55 -5.40 5.54
CA SER A 175 17.00 -6.02 6.78
C SER A 175 16.24 -7.33 7.03
N GLY A 176 15.07 -7.45 6.40
CA GLY A 176 14.19 -8.61 6.53
C GLY A 176 12.88 -8.31 7.24
N GLN A 177 12.72 -7.08 7.74
CA GLN A 177 11.51 -6.68 8.45
C GLN A 177 10.33 -6.57 7.48
N ILE A 178 9.19 -7.14 7.88
CA ILE A 178 7.95 -7.14 7.13
C ILE A 178 6.91 -6.31 7.88
N GLU A 179 6.07 -5.58 7.13
CA GLU A 179 4.99 -4.77 7.69
C GLU A 179 3.71 -4.99 6.88
N ILE A 180 2.60 -5.33 7.56
CA ILE A 180 1.31 -5.57 6.89
C ILE A 180 0.36 -4.38 7.16
N TYR A 181 -0.07 -3.70 6.09
CA TYR A 181 -0.94 -2.52 6.15
C TYR A 181 -2.32 -2.81 5.55
N ALA A 182 -3.35 -2.91 6.40
CA ALA A 182 -4.74 -3.16 5.99
C ALA A 182 -5.33 -1.96 5.27
N TYR A 183 -5.96 -2.21 4.11
CA TYR A 183 -6.56 -1.22 3.20
C TYR A 183 -5.49 -0.22 2.73
N GLY A 184 -4.22 -0.66 2.86
CA GLY A 184 -3.02 0.10 2.53
C GLY A 184 -2.82 1.32 3.41
N MSE A 185 -3.27 1.25 4.69
CA MSE A 185 -3.14 2.39 5.61
C MSE A 185 -3.14 2.05 7.12
O MSE A 185 -2.76 2.92 7.91
CB MSE A 185 -4.19 3.49 5.34
CG MSE A 185 -5.60 2.98 5.10
SE MSE A 185 -6.78 4.37 4.41
CE MSE A 185 -8.15 3.21 3.76
N TYR A 186 -3.56 0.83 7.52
CA TYR A 186 -3.54 0.47 8.94
C TYR A 186 -2.59 -0.70 9.24
N LYS A 187 -1.52 -0.42 10.00
CA LYS A 187 -0.50 -1.41 10.39
C LYS A 187 -1.08 -2.51 11.31
N ILE A 188 -1.28 -3.72 10.74
CA ILE A 188 -1.81 -4.89 11.47
C ILE A 188 -0.68 -5.65 12.15
N ALA A 189 0.49 -5.77 11.50
CA ALA A 189 1.64 -6.51 12.05
C ALA A 189 3.00 -6.05 11.54
N THR A 190 4.00 -6.09 12.43
CA THR A 190 5.41 -5.81 12.16
C THR A 190 6.12 -7.12 12.49
N ILE A 191 6.61 -7.83 11.46
CA ILE A 191 7.23 -9.15 11.63
C ILE A 191 8.72 -9.08 11.30
N SER A 192 9.55 -9.56 12.22
CA SER A 192 11.00 -9.59 12.02
C SER A 192 11.51 -11.01 12.32
N GLU A 193 11.20 -11.98 11.41
CA GLU A 193 11.57 -13.38 11.64
C GLU A 193 12.45 -14.02 10.55
N VAL A 194 12.93 -13.21 9.57
CA VAL A 194 13.81 -13.71 8.49
C VAL A 194 15.22 -13.09 8.59
N TYR A 195 16.21 -13.57 7.80
CA TYR A 195 17.55 -12.99 7.93
C TYR A 195 18.03 -12.14 6.75
N GLY A 196 17.70 -12.51 5.51
CA GLY A 196 18.17 -11.75 4.35
C GLY A 196 17.41 -10.47 4.08
N SER A 197 17.47 -10.01 2.82
CA SER A 197 16.78 -8.82 2.34
C SER A 197 15.54 -9.31 1.58
N CYS A 198 14.35 -8.80 1.94
CA CYS A 198 13.07 -9.20 1.34
C CYS A 198 13.05 -9.06 -0.20
N LEU A 199 13.27 -10.19 -0.89
CA LEU A 199 13.29 -10.26 -2.35
C LEU A 199 11.88 -10.48 -2.89
N ARG A 200 11.14 -11.46 -2.31
CA ARG A 200 9.76 -11.82 -2.66
C ARG A 200 8.90 -11.95 -1.41
N LEU A 201 7.63 -11.53 -1.52
CA LEU A 201 6.65 -11.54 -0.43
C LEU A 201 5.34 -12.11 -0.92
N CYS A 202 4.64 -12.91 -0.08
CA CYS A 202 3.34 -13.49 -0.46
C CYS A 202 2.45 -13.86 0.75
N LEU A 203 1.40 -13.06 0.97
CA LEU A 203 0.42 -13.36 2.01
C LEU A 203 -0.68 -14.18 1.37
N SER A 204 -1.06 -15.29 2.02
CA SER A 204 -2.09 -16.18 1.51
C SER A 204 -3.47 -15.52 1.55
N SER A 205 -4.33 -15.92 0.60
CA SER A 205 -5.71 -15.44 0.46
C SER A 205 -6.59 -15.82 1.65
N ASP A 206 -6.22 -16.92 2.33
CA ASP A 206 -6.93 -17.41 3.52
C ASP A 206 -6.31 -16.82 4.79
N LEU A 207 -5.18 -16.07 4.63
CA LEU A 207 -4.40 -15.41 5.70
C LEU A 207 -3.74 -16.39 6.69
N LYS A 208 -3.56 -17.66 6.29
CA LYS A 208 -2.95 -18.67 7.16
C LYS A 208 -1.43 -18.57 7.25
N SER A 209 -0.76 -18.23 6.12
CA SER A 209 0.70 -18.14 6.08
C SER A 209 1.24 -17.02 5.23
N LEU A 210 2.50 -16.63 5.49
CA LEU A 210 3.22 -15.58 4.77
C LEU A 210 4.58 -16.09 4.33
N SER A 211 4.69 -16.48 3.07
CA SER A 211 5.93 -16.97 2.50
C SER A 211 6.77 -15.78 2.02
N VAL A 212 8.09 -15.89 2.18
CA VAL A 212 9.02 -14.83 1.81
C VAL A 212 10.35 -15.42 1.29
N VAL A 213 10.86 -14.88 0.18
CA VAL A 213 12.14 -15.26 -0.39
C VAL A 213 13.10 -14.10 -0.06
N THR A 214 14.28 -14.39 0.52
CA THR A 214 15.25 -13.35 0.91
C THR A 214 16.63 -13.56 0.30
N GLU A 215 17.26 -12.44 -0.10
CA GLU A 215 18.59 -12.39 -0.68
C GLU A 215 19.53 -11.88 0.42
N LEU A 216 20.26 -12.82 1.08
CA LEU A 216 21.22 -12.55 2.15
C LEU A 216 22.59 -12.16 1.58
N THR A 217 23.04 -10.92 1.80
CA THR A 217 24.33 -10.44 1.27
C THR A 217 25.52 -11.02 2.04
N THR A 218 26.49 -11.57 1.28
CA THR A 218 27.71 -12.19 1.80
C THR A 218 28.92 -11.76 0.96
N ASN A 219 30.12 -11.79 1.58
CA ASN A 219 31.43 -11.39 1.03
C ASN A 219 31.66 -11.74 -0.46
N ASN A 220 31.28 -12.97 -0.90
CA ASN A 220 31.45 -13.35 -2.31
C ASN A 220 30.16 -13.19 -3.12
N THR A 221 29.11 -13.97 -2.81
CA THR A 221 27.85 -13.93 -3.55
C THR A 221 26.62 -14.18 -2.65
N PRO A 222 25.50 -13.42 -2.83
CA PRO A 222 24.32 -13.60 -1.97
C PRO A 222 23.70 -14.99 -1.96
N GLU A 223 23.00 -15.32 -0.85
CA GLU A 223 22.35 -16.61 -0.65
C GLU A 223 20.82 -16.46 -0.64
N ILE A 224 20.15 -17.03 -1.66
CA ILE A 224 18.69 -17.01 -1.79
C ILE A 224 18.08 -18.08 -0.87
N THR A 225 17.20 -17.63 0.03
CA THR A 225 16.58 -18.44 1.09
C THR A 225 15.05 -18.24 1.15
N TYR A 226 14.28 -19.35 1.23
CA TYR A 226 12.82 -19.33 1.32
C TYR A 226 12.40 -19.45 2.79
N PHE A 227 11.39 -18.68 3.20
CA PHE A 227 10.84 -18.69 4.55
C PHE A 227 9.31 -18.73 4.48
N GLN A 228 8.65 -19.25 5.54
CA GLN A 228 7.18 -19.30 5.64
C GLN A 228 6.78 -19.02 7.08
N LEU A 229 5.96 -17.98 7.28
CA LEU A 229 5.51 -17.54 8.61
C LEU A 229 4.05 -17.91 8.86
N ASP A 230 3.71 -18.33 10.10
CA ASP A 230 2.38 -18.73 10.53
C ASP A 230 1.54 -17.54 11.01
N THR A 231 0.85 -16.87 10.07
CA THR A 231 -0.03 -15.71 10.32
C THR A 231 -1.48 -16.17 10.56
N SER A 232 -1.65 -17.44 10.98
CA SER A 232 -2.92 -18.12 11.25
C SER A 232 -3.89 -17.37 12.19
N LEU A 233 -3.37 -16.47 13.07
CA LEU A 233 -4.23 -15.66 13.96
C LEU A 233 -5.15 -14.78 13.12
N LEU A 234 -4.60 -14.17 12.04
CA LEU A 234 -5.33 -13.33 11.09
C LEU A 234 -6.38 -14.14 10.31
N SER A 235 -6.19 -15.48 10.22
CA SER A 235 -7.11 -16.41 9.56
C SER A 235 -8.26 -16.79 10.49
N ASP A 236 -7.93 -17.22 11.74
CA ASP A 236 -8.91 -17.62 12.76
C ASP A 236 -9.88 -16.48 13.08
N TYR A 237 -9.33 -15.28 13.32
CA TYR A 237 -10.13 -14.10 13.66
C TYR A 237 -10.35 -13.17 12.45
N LEU A 238 -10.49 -13.74 11.24
CA LEU A 238 -10.66 -12.97 10.00
C LEU A 238 -11.83 -11.98 10.05
N PRO A 239 -13.10 -12.35 10.35
CA PRO A 239 -14.17 -11.33 10.36
C PRO A 239 -13.95 -10.21 11.38
N GLU A 240 -13.29 -10.52 12.49
CA GLU A 240 -12.97 -9.54 13.54
C GLU A 240 -11.84 -8.61 13.06
N VAL A 241 -10.73 -9.15 12.51
CA VAL A 241 -9.59 -8.41 11.95
C VAL A 241 -10.07 -7.45 10.84
N THR A 242 -10.99 -7.93 9.96
CA THR A 242 -11.58 -7.18 8.84
C THR A 242 -12.33 -5.94 9.35
N ARG A 243 -13.22 -6.13 10.35
CA ARG A 243 -14.03 -5.06 10.95
C ARG A 243 -13.18 -4.11 11.79
N MSE A 244 -12.20 -4.67 12.54
CA MSE A 244 -11.31 -3.93 13.42
C MSE A 244 -10.48 -2.92 12.64
O MSE A 244 -10.52 -1.73 12.94
CB MSE A 244 -10.38 -4.90 14.17
CG MSE A 244 -9.96 -4.40 15.53
SE MSE A 244 -8.09 -4.82 15.81
CE MSE A 244 -8.23 -5.67 17.50
N ALA A 245 -9.79 -3.40 11.59
CA ALA A 245 -8.96 -2.59 10.72
C ALA A 245 -9.79 -1.51 10.03
N ARG A 246 -11.02 -1.86 9.59
CA ARG A 246 -11.94 -0.94 8.91
C ARG A 246 -12.28 0.27 9.77
N LYS A 247 -12.54 0.05 11.07
CA LYS A 247 -12.87 1.15 11.97
C LYS A 247 -11.64 2.03 12.23
N PHE A 248 -10.44 1.42 12.26
CA PHE A 248 -9.18 2.13 12.45
C PHE A 248 -8.86 3.01 11.24
N THR A 249 -9.22 2.57 10.01
CA THR A 249 -9.02 3.36 8.78
C THR A 249 -9.95 4.58 8.77
N HIS A 250 -11.11 4.48 9.45
CA HIS A 250 -12.07 5.59 9.58
C HIS A 250 -11.54 6.62 10.60
N ILE A 251 -11.04 6.12 11.76
CA ILE A 251 -10.45 6.93 12.83
C ILE A 251 -9.12 7.57 12.34
N SER A 252 -8.42 6.92 11.38
CA SER A 252 -7.19 7.45 10.78
C SER A 252 -7.50 8.57 9.78
N THR A 253 -8.65 8.46 9.05
CA THR A 253 -9.14 9.45 8.08
C THR A 253 -9.57 10.69 8.85
N LEU A 254 -10.35 10.49 9.93
CA LEU A 254 -10.72 11.56 10.88
C LEU A 254 -9.43 11.75 11.69
N LEU A 255 -9.36 12.74 12.59
CA LEU A 255 -8.13 13.03 13.37
C LEU A 255 -7.15 13.75 12.43
N GLN A 256 -6.94 13.19 11.19
CA GLN A 256 -6.17 13.76 10.10
C GLN A 256 -7.03 14.90 9.54
N TYR A 257 -8.36 14.66 9.43
CA TYR A 257 -9.37 15.63 9.00
C TYR A 257 -9.39 16.77 10.03
N LEU A 258 -9.40 16.41 11.33
CA LEU A 258 -9.40 17.34 12.46
C LEU A 258 -8.13 18.20 12.49
N GLN A 259 -6.94 17.57 12.24
CA GLN A 259 -5.65 18.24 12.19
C GLN A 259 -5.60 19.24 11.02
N LEU A 260 -6.08 18.81 9.82
CA LEU A 260 -6.13 19.64 8.62
C LEU A 260 -7.07 20.81 8.77
N SER A 261 -8.24 20.60 9.41
CA SER A 261 -9.22 21.66 9.66
C SER A 261 -8.71 22.64 10.72
N LEU A 262 -7.91 22.13 11.69
CA LEU A 262 -7.29 22.95 12.73
C LEU A 262 -6.15 23.77 12.12
N THR A 263 -5.48 23.21 11.09
CA THR A 263 -4.40 23.86 10.33
C THR A 263 -4.97 25.06 9.55
N CYS A 264 -6.13 24.86 8.88
CA CYS A 264 -6.86 25.88 8.11
C CYS A 264 -7.37 27.00 9.03
N MSE A 265 -7.73 26.64 10.26
CA MSE A 265 -8.20 27.55 11.30
C MSE A 265 -7.03 28.39 11.84
O MSE A 265 -7.18 29.60 12.02
CB MSE A 265 -8.85 26.74 12.43
CG MSE A 265 -9.64 27.58 13.40
SE MSE A 265 -9.95 26.59 15.03
CE MSE A 265 -10.94 27.95 16.02
N CYS A 266 -5.87 27.74 12.08
CA CYS A 266 -4.64 28.38 12.58
C CYS A 266 -4.02 29.32 11.53
N GLU A 267 -4.10 28.94 10.25
CA GLU A 267 -3.58 29.72 9.12
C GLU A 267 -4.42 30.99 8.90
N ALA A 268 -5.76 30.88 9.03
CA ALA A 268 -6.70 32.00 8.90
C ALA A 268 -6.51 33.02 10.03
N TRP A 269 -6.07 32.54 11.21
CA TRP A 269 -5.77 33.37 12.39
C TRP A 269 -4.45 34.11 12.16
N GLU A 270 -3.48 33.44 11.48
CA GLU A 270 -2.17 34.01 11.13
C GLU A 270 -2.30 35.09 10.06
N GLU A 271 -3.39 35.04 9.25
CA GLU A 271 -3.69 36.02 8.20
C GLU A 271 -4.22 37.33 8.78
N ILE A 272 -4.83 37.27 9.99
CA ILE A 272 -5.36 38.43 10.71
C ILE A 272 -4.18 39.17 11.37
N LEU A 273 -3.32 38.43 12.10
CA LEU A 273 -2.14 38.94 12.81
C LEU A 273 -1.11 39.60 11.87
N MSE A 274 -0.96 39.07 10.64
CA MSE A 274 -0.05 39.60 9.62
C MSE A 274 -0.61 40.93 9.08
O MSE A 274 0.15 41.89 8.89
CB MSE A 274 0.17 38.57 8.49
CG MSE A 274 1.13 39.04 7.40
SE MSE A 274 2.94 39.43 8.01
CE MSE A 274 3.53 40.57 6.53
N GLN A 275 -1.94 40.99 8.86
CA GLN A 275 -2.64 42.18 8.37
C GLN A 275 -2.71 43.26 9.45
N MSE A 276 -2.78 42.85 10.74
CA MSE A 276 -2.82 43.73 11.91
C MSE A 276 -1.45 44.38 12.14
O MSE A 276 -1.39 45.55 12.50
CB MSE A 276 -3.26 42.95 13.15
CG MSE A 276 -3.95 43.81 14.21
SE MSE A 276 -5.90 43.66 14.13
CE MSE A 276 -6.34 44.53 15.84
N ASP A 277 -0.36 43.59 11.94
CA ASP A 277 1.03 44.04 12.09
C ASP A 277 1.41 45.04 11.00
N SER A 278 0.84 44.87 9.78
CA SER A 278 1.05 45.75 8.63
C SER A 278 0.35 47.11 8.81
N ARG A 279 -0.76 47.13 9.57
CA ARG A 279 -1.54 48.33 9.86
C ARG A 279 -1.04 49.05 11.12
N LEU A 280 -0.99 48.33 12.26
CA LEU A 280 -0.53 48.85 13.55
C LEU A 280 0.14 47.75 14.37
N GLU A 309 -1.40 65.42 16.31
CA GLU A 309 -0.33 64.52 15.90
C GLU A 309 -0.88 63.17 15.44
N LEU A 310 -1.77 62.55 16.25
CA LEU A 310 -2.38 61.24 15.96
C LEU A 310 -3.41 61.30 14.83
N GLN A 311 -4.07 62.47 14.66
CA GLN A 311 -5.09 62.71 13.63
C GLN A 311 -4.47 62.72 12.22
N THR A 312 -3.33 63.42 12.06
CA THR A 312 -2.60 63.55 10.79
C THR A 312 -1.85 62.28 10.39
N LEU A 313 -1.25 61.57 11.36
CA LEU A 313 -0.48 60.34 11.11
C LEU A 313 -1.35 59.15 10.69
N LEU A 314 -2.55 59.00 11.29
CA LEU A 314 -3.49 57.91 10.99
C LEU A 314 -4.01 57.95 9.55
N MSE A 315 -4.42 59.15 9.09
CA MSE A 315 -4.94 59.36 7.73
C MSE A 315 -3.86 59.31 6.63
O MSE A 315 -4.20 59.09 5.47
CB MSE A 315 -5.77 60.64 7.65
CG MSE A 315 -7.22 60.43 8.08
SE MSE A 315 -8.04 62.02 8.88
CE MSE A 315 -9.87 61.35 9.07
N ASN A 316 -2.57 59.49 7.00
CA ASN A 316 -1.44 59.44 6.08
C ASN A 316 -0.90 58.01 5.91
N GLN A 317 -0.79 57.25 7.02
CA GLN A 317 -0.30 55.87 7.03
C GLN A 317 -1.31 54.91 6.39
N LEU A 318 -2.62 55.08 6.70
CA LEU A 318 -3.72 54.26 6.19
C LEU A 318 -4.87 55.15 5.70
N THR A 319 -5.32 54.91 4.46
CA THR A 319 -6.43 55.65 3.85
C THR A 319 -7.77 55.12 4.37
N VAL A 320 -8.85 55.91 4.19
CA VAL A 320 -10.22 55.56 4.59
C VAL A 320 -10.74 54.35 3.76
N LYS A 321 -10.21 54.19 2.53
CA LYS A 321 -10.52 53.09 1.62
C LYS A 321 -9.81 51.81 2.09
N GLY A 322 -8.60 51.98 2.65
CA GLY A 322 -7.76 50.91 3.17
C GLY A 322 -8.30 50.24 4.42
N LEU A 323 -9.12 50.96 5.20
CA LEU A 323 -9.73 50.44 6.43
C LEU A 323 -10.89 49.51 6.07
N LYS A 324 -11.59 49.80 4.95
CA LYS A 324 -12.71 49.03 4.44
C LYS A 324 -12.29 47.66 3.90
N LYS A 325 -11.12 47.61 3.19
CA LYS A 325 -10.57 46.36 2.64
C LYS A 325 -10.02 45.46 3.74
N LEU A 326 -9.56 46.06 4.86
CA LEU A 326 -9.05 45.37 6.05
C LEU A 326 -10.21 44.86 6.89
N GLY A 327 -11.35 45.55 6.82
CA GLY A 327 -12.58 45.21 7.53
C GLY A 327 -13.23 43.94 7.03
N GLN A 328 -13.24 43.74 5.69
CA GLN A 328 -13.81 42.55 5.03
C GLN A 328 -12.89 41.34 5.23
N SER A 329 -11.55 41.55 5.09
CA SER A 329 -10.50 40.53 5.22
C SER A 329 -10.48 39.87 6.62
N VAL A 330 -10.77 40.67 7.67
CA VAL A 330 -10.83 40.20 9.07
C VAL A 330 -12.19 39.53 9.34
N GLU A 331 -13.28 40.05 8.73
CA GLU A 331 -14.64 39.53 8.85
C GLU A 331 -14.79 38.16 8.17
N SER A 332 -14.16 37.99 6.98
CA SER A 332 -14.19 36.76 6.19
C SER A 332 -13.36 35.65 6.84
N SER A 333 -12.22 36.02 7.45
CA SER A 333 -11.32 35.10 8.15
C SER A 333 -11.97 34.58 9.43
N TYR A 334 -12.73 35.44 10.15
CA TYR A 334 -13.46 35.08 11.36
C TYR A 334 -14.60 34.11 11.05
N SER A 335 -15.36 34.38 9.97
CA SER A 335 -16.48 33.56 9.50
C SER A 335 -16.01 32.14 9.19
N THR A 336 -14.86 32.00 8.50
CA THR A 336 -14.25 30.72 8.15
C THR A 336 -13.78 29.99 9.40
N ILE A 337 -13.14 30.72 10.35
CA ILE A 337 -12.67 30.20 11.65
C ILE A 337 -13.87 29.67 12.45
N GLN A 338 -14.98 30.43 12.46
CA GLN A 338 -16.23 30.09 13.13
C GLN A 338 -16.85 28.84 12.49
N LYS A 339 -16.90 28.79 11.14
CA LYS A 339 -17.43 27.65 10.36
C LYS A 339 -16.60 26.38 10.60
N LEU A 340 -15.26 26.52 10.65
CA LEU A 340 -14.32 25.41 10.87
C LEU A 340 -14.52 24.75 12.22
N VAL A 341 -14.85 25.53 13.27
CA VAL A 341 -15.03 24.99 14.61
C VAL A 341 -16.52 24.59 14.88
N ILE A 342 -17.50 25.34 14.35
CA ILE A 342 -18.93 25.06 14.57
C ILE A 342 -19.47 23.94 13.66
N SER A 343 -18.84 23.71 12.48
CA SER A 343 -19.30 22.69 11.53
C SER A 343 -18.31 21.54 11.32
N HIS A 344 -17.05 21.85 10.90
CA HIS A 344 -16.01 20.85 10.63
C HIS A 344 -15.57 20.13 11.90
N LEU A 345 -15.11 20.89 12.91
CA LEU A 345 -14.64 20.33 14.18
C LEU A 345 -15.73 19.65 14.99
N GLN A 346 -16.97 20.18 14.96
CA GLN A 346 -18.09 19.59 15.68
C GLN A 346 -18.52 18.26 15.06
N SER A 347 -18.58 18.18 13.71
CA SER A 347 -18.96 16.95 13.01
C SER A 347 -17.80 15.94 13.00
N GLY A 348 -16.57 16.46 12.98
CA GLY A 348 -15.35 15.66 13.01
C GLY A 348 -15.21 14.88 14.29
N ALA A 349 -15.38 15.58 15.44
CA ALA A 349 -15.32 14.98 16.78
C ALA A 349 -16.51 14.07 17.01
N GLU A 350 -17.71 14.42 16.46
CA GLU A 350 -18.94 13.62 16.57
C GLU A 350 -18.77 12.28 15.86
N ALA A 351 -18.16 12.28 14.66
CA ALA A 351 -17.89 11.07 13.90
C ALA A 351 -16.81 10.25 14.60
N LEU A 352 -15.80 10.92 15.20
CA LEU A 352 -14.71 10.29 15.97
C LEU A 352 -15.31 9.60 17.21
N LEU A 353 -16.27 10.26 17.90
CA LEU A 353 -16.98 9.73 19.07
C LEU A 353 -17.84 8.54 18.65
N TYR A 354 -18.34 8.55 17.41
CA TYR A 354 -19.17 7.48 16.87
C TYR A 354 -18.34 6.22 16.60
N HIS A 355 -17.25 6.36 15.83
CA HIS A 355 -16.38 5.26 15.45
C HIS A 355 -15.62 4.66 16.62
N LEU A 356 -15.28 5.47 17.64
CA LEU A 356 -14.63 4.98 18.85
C LEU A 356 -15.65 4.20 19.70
N SER A 357 -16.86 4.77 19.93
CA SER A 357 -17.92 4.13 20.72
C SER A 357 -18.25 2.72 20.23
N GLU A 358 -18.29 2.51 18.89
CA GLU A 358 -18.54 1.21 18.24
C GLU A 358 -17.35 0.29 18.46
N LEU A 359 -16.11 0.83 18.37
CA LEU A 359 -14.87 0.08 18.59
C LEU A 359 -14.82 -0.46 20.03
N LYS A 360 -15.38 0.29 21.01
CA LYS A 360 -15.46 -0.12 22.42
C LYS A 360 -16.41 -1.30 22.56
N GLY A 361 -17.53 -1.26 21.84
CA GLY A 361 -18.55 -2.32 21.81
C GLY A 361 -17.99 -3.63 21.30
N MSE A 362 -17.02 -3.54 20.38
CA MSE A 362 -16.31 -4.69 19.82
C MSE A 362 -15.31 -5.15 20.88
O MSE A 362 -15.31 -6.32 21.25
CB MSE A 362 -15.56 -4.30 18.55
CG MSE A 362 -16.44 -3.78 17.43
SE MSE A 362 -15.39 -3.30 15.88
CE MSE A 362 -16.15 -1.61 15.49
N ALA A 363 -14.49 -4.20 21.41
CA ALA A 363 -13.47 -4.40 22.45
C ALA A 363 -14.01 -5.04 23.72
N LEU A 364 -15.30 -4.84 24.01
CA LEU A 364 -15.98 -5.36 25.19
C LEU A 364 -16.34 -6.85 25.06
N TRP A 365 -15.99 -7.51 23.93
CA TRP A 365 -16.25 -8.94 23.69
C TRP A 365 -15.29 -9.87 24.43
N ARG A 366 -13.97 -9.55 24.39
CA ARG A 366 -12.86 -10.31 25.00
C ARG A 366 -12.62 -11.65 24.28
N GLN A 367 -13.66 -12.53 24.19
CA GLN A 367 -13.61 -13.83 23.48
C GLN A 367 -13.11 -13.58 22.05
N LYS A 368 -13.53 -12.44 21.48
CA LYS A 368 -13.15 -11.89 20.19
C LYS A 368 -12.57 -10.50 20.51
N TYR A 369 -11.61 -10.02 19.69
CA TYR A 369 -10.94 -8.71 19.77
C TYR A 369 -9.86 -8.60 20.88
N GLU A 370 -9.96 -9.36 22.00
CA GLU A 370 -8.91 -9.32 23.03
C GLU A 370 -7.63 -10.03 22.56
N PRO A 371 -7.68 -11.28 21.98
CA PRO A 371 -6.44 -11.90 21.49
C PRO A 371 -5.95 -11.22 20.20
N LEU A 372 -6.61 -10.11 19.86
CA LEU A 372 -6.36 -9.27 18.69
C LEU A 372 -5.77 -7.93 19.13
N GLY A 373 -5.82 -7.64 20.44
CA GLY A 373 -5.25 -6.44 21.03
C GLY A 373 -6.15 -5.22 21.18
N LEU A 374 -7.46 -5.43 21.28
CA LEU A 374 -8.41 -4.33 21.45
C LEU A 374 -8.74 -4.15 22.94
N ASP A 375 -8.25 -3.04 23.53
CA ASP A 375 -8.44 -2.69 24.93
C ASP A 375 -9.55 -1.65 25.05
N ALA A 376 -10.66 -2.03 25.73
CA ALA A 376 -11.83 -1.18 25.94
C ALA A 376 -11.49 0.07 26.74
N LYS A 377 -10.70 -0.06 27.84
CA LYS A 377 -10.29 1.05 28.69
C LYS A 377 -9.43 2.05 27.95
N ALA A 378 -8.54 1.57 27.05
CA ALA A 378 -7.70 2.44 26.24
C ALA A 378 -8.55 3.32 25.32
N ILE A 379 -9.61 2.75 24.72
CA ILE A 379 -10.47 3.54 23.83
C ILE A 379 -11.45 4.40 24.66
N GLU A 380 -11.90 3.91 25.84
CA GLU A 380 -12.80 4.62 26.76
C GLU A 380 -12.16 5.97 27.13
N ASP A 381 -10.86 5.95 27.48
CA ASP A 381 -10.06 7.13 27.83
C ASP A 381 -9.89 8.03 26.60
N ALA A 382 -9.78 7.41 25.40
CA ALA A 382 -9.65 8.12 24.14
C ALA A 382 -10.93 8.88 23.79
N ILE A 383 -12.12 8.36 24.19
CA ILE A 383 -13.42 9.01 23.97
C ILE A 383 -13.45 10.33 24.76
N THR A 384 -13.03 10.29 26.05
CA THR A 384 -12.95 11.43 26.95
C THR A 384 -11.95 12.45 26.41
N ALA A 385 -10.88 11.97 25.75
CA ALA A 385 -9.84 12.78 25.12
C ALA A 385 -10.39 13.58 23.93
N VAL A 386 -11.30 12.96 23.16
CA VAL A 386 -11.99 13.57 22.01
C VAL A 386 -12.99 14.62 22.54
N GLY A 387 -13.69 14.24 23.61
CA GLY A 387 -14.65 15.10 24.29
C GLY A 387 -14.03 16.33 24.90
N SER A 388 -12.85 16.16 25.52
CA SER A 388 -12.10 17.26 26.13
C SER A 388 -11.56 18.20 25.06
N PHE A 389 -11.20 17.64 23.89
CA PHE A 389 -10.69 18.39 22.73
C PHE A 389 -11.78 19.29 22.18
N ILE A 390 -12.96 18.72 21.83
CA ILE A 390 -14.08 19.47 21.27
C ILE A 390 -14.50 20.59 22.24
N LEU A 391 -14.43 20.33 23.56
CA LEU A 391 -14.78 21.31 24.59
C LEU A 391 -13.75 22.41 24.70
N LYS A 392 -12.44 22.08 24.57
CA LYS A 392 -11.35 23.06 24.61
C LYS A 392 -11.39 23.92 23.35
N ALA A 393 -11.88 23.35 22.23
CA ALA A 393 -12.07 24.06 20.95
C ALA A 393 -13.25 25.02 21.06
N HIS A 394 -14.27 24.65 21.88
CA HIS A 394 -15.44 25.47 22.15
C HIS A 394 -15.01 26.66 23.02
N GLU A 395 -14.08 26.41 23.97
CA GLU A 395 -13.52 27.41 24.87
C GLU A 395 -12.61 28.39 24.12
N LEU A 396 -11.96 27.92 23.04
CA LEU A 396 -11.09 28.73 22.19
C LEU A 396 -11.91 29.71 21.35
N LEU A 397 -13.08 29.27 20.83
CA LEU A 397 -14.00 30.08 20.04
C LEU A 397 -14.58 31.21 20.89
N GLN A 398 -14.87 30.93 22.18
CA GLN A 398 -15.40 31.90 23.15
C GLN A 398 -14.43 33.09 23.31
N VAL A 399 -13.10 32.81 23.27
CA VAL A 399 -12.00 33.79 23.36
C VAL A 399 -12.01 34.67 22.10
N ILE A 400 -12.12 34.03 20.90
CA ILE A 400 -12.17 34.68 19.59
C ILE A 400 -13.39 35.59 19.47
N ASP A 401 -14.58 35.10 19.90
CA ASP A 401 -15.86 35.82 19.90
C ASP A 401 -15.84 37.03 20.84
N SER A 402 -15.18 36.89 22.01
CA SER A 402 -15.03 37.96 23.01
C SER A 402 -14.03 39.02 22.52
N GLY A 403 -13.10 38.59 21.67
CA GLY A 403 -12.09 39.45 21.06
C GLY A 403 -12.62 40.19 19.85
N MSE A 404 -13.58 39.55 19.13
CA MSE A 404 -14.21 40.10 17.94
C MSE A 404 -15.28 41.14 18.24
O MSE A 404 -15.47 42.06 17.45
CB MSE A 404 -14.73 38.99 17.02
CG MSE A 404 -14.08 38.98 15.64
SE MSE A 404 -12.14 39.30 15.67
CE MSE A 404 -11.60 38.34 14.06
N LYS A 405 -15.99 40.99 19.38
CA LYS A 405 -17.02 41.94 19.80
C LYS A 405 -16.43 43.30 20.16
N ASN A 406 -15.19 43.32 20.71
CA ASN A 406 -14.45 44.53 21.05
C ASN A 406 -13.94 45.20 19.77
N PHE A 407 -13.60 44.38 18.76
CA PHE A 407 -13.13 44.83 17.45
C PHE A 407 -14.29 45.37 16.61
N LYS A 408 -15.51 44.80 16.80
CA LYS A 408 -16.73 45.23 16.11
C LYS A 408 -17.13 46.65 16.54
N ALA A 409 -17.01 46.94 17.85
CA ALA A 409 -17.32 48.26 18.41
C ALA A 409 -16.25 49.28 17.99
N PHE A 410 -15.00 48.80 17.81
CA PHE A 410 -13.84 49.59 17.38
C PHE A 410 -13.95 49.99 15.90
N PHE A 411 -14.38 49.05 15.04
CA PHE A 411 -14.56 49.25 13.59
C PHE A 411 -15.71 50.21 13.26
N ARG A 412 -16.86 50.07 13.95
CA ARG A 412 -18.03 50.91 13.77
C ARG A 412 -17.83 52.32 14.30
N TRP A 413 -17.04 52.47 15.37
CA TRP A 413 -16.71 53.75 16.01
C TRP A 413 -15.83 54.62 15.11
N LEU A 414 -14.80 54.00 14.49
CA LEU A 414 -13.85 54.69 13.59
C LEU A 414 -14.53 55.16 12.29
N TYR A 415 -15.53 54.39 11.79
CA TYR A 415 -16.28 54.72 10.58
C TYR A 415 -17.24 55.89 10.84
N VAL A 416 -18.01 55.83 11.94
CA VAL A 416 -18.95 56.87 12.34
C VAL A 416 -18.39 57.70 13.49
N ASP A 443 -21.97 49.76 26.45
CA ASP A 443 -21.67 48.54 25.70
C ASP A 443 -20.68 48.80 24.56
N PHE A 444 -20.89 49.90 23.81
CA PHE A 444 -20.04 50.29 22.68
C PHE A 444 -18.76 50.99 23.16
N LEU A 445 -18.90 51.93 24.11
CA LEU A 445 -17.79 52.69 24.71
C LEU A 445 -16.93 51.82 25.61
N THR A 446 -17.55 50.85 26.33
CA THR A 446 -16.88 49.91 27.24
C THR A 446 -15.97 48.93 26.49
N GLU A 447 -16.41 48.46 25.30
CA GLU A 447 -15.66 47.54 24.45
C GLU A 447 -14.48 48.25 23.77
N HIS A 448 -14.60 49.57 23.55
CA HIS A 448 -13.57 50.42 22.94
C HIS A 448 -12.38 50.59 23.88
N PHE A 449 -12.65 50.79 25.19
CA PHE A 449 -11.64 50.94 26.23
C PHE A 449 -10.94 49.61 26.51
N ASN A 450 -11.71 48.51 26.52
CA ASN A 450 -11.22 47.15 26.76
C ASN A 450 -10.39 46.61 25.58
N GLU A 451 -10.52 47.23 24.39
CA GLU A 451 -9.79 46.88 23.17
C GLU A 451 -8.29 47.14 23.30
N ALA A 452 -7.91 48.28 23.91
CA ALA A 452 -6.51 48.66 24.12
C ALA A 452 -6.31 49.23 25.53
N PRO A 511 -3.34 25.97 19.09
CA PRO A 511 -2.06 26.41 19.64
C PRO A 511 -2.19 27.03 21.05
N GLU A 512 -2.86 28.18 21.16
CA GLU A 512 -3.07 28.90 22.43
C GLU A 512 -4.17 28.25 23.28
N LYS A 513 -4.23 28.59 24.59
CA LYS A 513 -5.19 28.11 25.59
C LYS A 513 -5.23 26.56 25.64
N SER A 514 -4.04 25.94 25.76
CA SER A 514 -3.79 24.50 25.86
C SER A 514 -4.44 23.64 24.74
N LEU A 515 -4.75 24.26 23.57
CA LEU A 515 -5.34 23.53 22.43
C LEU A 515 -4.32 22.58 21.80
N HIS A 516 -3.04 22.98 21.80
CA HIS A 516 -1.92 22.17 21.31
C HIS A 516 -1.75 20.99 22.27
N PHE A 517 -2.02 21.20 23.57
CA PHE A 517 -1.91 20.17 24.61
C PHE A 517 -3.02 19.13 24.51
N VAL A 518 -4.29 19.56 24.28
CA VAL A 518 -5.43 18.65 24.20
C VAL A 518 -5.41 17.82 22.89
N LYS A 519 -4.93 18.41 21.77
CA LYS A 519 -4.83 17.71 20.49
C LYS A 519 -3.75 16.63 20.57
N ARG A 520 -2.64 16.93 21.28
CA ARG A 520 -1.53 16.00 21.49
C ARG A 520 -1.91 14.89 22.43
N GLN A 521 -2.69 15.21 23.50
CA GLN A 521 -3.16 14.21 24.46
C GLN A 521 -4.18 13.27 23.81
N MSE A 522 -5.00 13.80 22.89
CA MSE A 522 -6.02 13.05 22.15
C MSE A 522 -5.36 12.06 21.19
O MSE A 522 -5.63 10.87 21.28
CB MSE A 522 -6.92 14.02 21.37
CG MSE A 522 -8.15 13.37 20.77
SE MSE A 522 -8.92 14.51 19.39
CE MSE A 522 -7.65 14.14 17.94
N GLU A 523 -4.45 12.54 20.31
CA GLU A 523 -3.73 11.70 19.35
C GLU A 523 -2.79 10.71 20.03
N ALA A 524 -2.41 10.96 21.30
CA ALA A 524 -1.54 10.06 22.07
C ALA A 524 -2.28 8.80 22.49
N ILE A 525 -3.56 8.95 22.92
CA ILE A 525 -4.40 7.83 23.36
C ILE A 525 -4.94 7.08 22.14
N ILE A 526 -5.27 7.81 21.05
CA ILE A 526 -5.74 7.20 19.80
C ILE A 526 -4.62 6.31 19.23
N ASP A 527 -3.36 6.82 19.20
CA ASP A 527 -2.20 6.08 18.72
C ASP A 527 -1.91 4.82 19.55
N ARG A 528 -2.17 4.85 20.88
CA ARG A 528 -1.98 3.70 21.78
C ARG A 528 -3.02 2.60 21.48
N CYS A 529 -4.22 3.01 21.00
CA CYS A 529 -5.30 2.11 20.61
C CYS A 529 -4.94 1.43 19.30
N LEU A 530 -4.25 2.15 18.41
CA LEU A 530 -3.84 1.67 17.10
C LEU A 530 -2.55 0.83 17.12
N THR A 531 -1.61 1.15 18.03
CA THR A 531 -0.32 0.47 18.08
C THR A 531 -0.40 -0.93 18.78
N LYS A 532 -1.19 -1.07 19.89
CA LYS A 532 -1.34 -2.34 20.65
C LYS A 532 -1.67 -3.56 19.76
N PRO A 533 -2.66 -3.52 18.81
CA PRO A 533 -2.91 -4.72 17.98
C PRO A 533 -1.73 -5.15 17.14
N ALA A 534 -1.02 -4.19 16.50
CA ALA A 534 0.16 -4.45 15.65
C ALA A 534 1.32 -5.14 16.38
N GLN A 535 1.45 -4.90 17.69
CA GLN A 535 2.48 -5.46 18.54
C GLN A 535 2.17 -6.90 18.93
N ILE A 536 0.89 -7.17 19.29
CA ILE A 536 0.47 -8.50 19.74
C ILE A 536 0.17 -9.46 18.54
N ILE A 537 -0.28 -8.93 17.39
CA ILE A 537 -0.52 -9.73 16.17
C ILE A 537 0.85 -10.14 15.60
N GLY A 538 1.83 -9.23 15.71
CA GLY A 538 3.21 -9.46 15.29
C GLY A 538 3.90 -10.47 16.18
N ALA A 539 3.45 -10.58 17.44
CA ALA A 539 3.99 -11.52 18.41
C ALA A 539 3.45 -12.93 18.16
N SER A 540 2.20 -13.04 17.66
CA SER A 540 1.51 -14.29 17.38
C SER A 540 2.12 -15.09 16.21
N VAL A 541 2.60 -14.38 15.18
CA VAL A 541 3.20 -14.96 13.97
C VAL A 541 4.56 -15.57 14.29
N GLN A 542 4.73 -16.87 13.97
CA GLN A 542 5.93 -17.68 14.22
C GLN A 542 6.57 -18.11 12.90
N GLN A 543 7.91 -18.25 12.87
CA GLN A 543 8.66 -18.70 11.67
C GLN A 543 8.70 -20.23 11.69
N LYS A 544 7.78 -20.87 10.96
CA LYS A 544 7.65 -22.34 10.95
C LYS A 544 8.47 -23.03 9.85
N ARG A 545 8.76 -22.36 8.73
CA ARG A 545 9.57 -22.93 7.66
C ARG A 545 10.68 -22.00 7.18
N CYS A 546 11.88 -22.56 7.04
CA CYS A 546 13.11 -21.89 6.56
C CYS A 546 13.86 -22.91 5.70
N LEU A 547 13.88 -22.66 4.38
CA LEU A 547 14.51 -23.54 3.40
C LEU A 547 15.60 -22.82 2.61
N PRO A 548 16.90 -23.00 2.97
CA PRO A 548 17.97 -22.38 2.18
C PRO A 548 18.02 -23.06 0.83
N LEU A 549 17.88 -22.27 -0.24
CA LEU A 549 17.86 -22.82 -1.59
C LEU A 549 19.25 -22.88 -2.20
N TYR A 550 19.72 -21.76 -2.76
CA TYR A 550 21.00 -21.68 -3.47
C TYR A 550 21.73 -20.36 -3.27
N GLN A 551 22.95 -20.27 -3.82
CA GLN A 551 23.77 -19.06 -3.85
C GLN A 551 23.79 -18.54 -5.28
N VAL A 552 23.57 -17.23 -5.44
CA VAL A 552 23.52 -16.50 -6.71
C VAL A 552 24.80 -16.71 -7.55
N SER A 553 24.64 -16.86 -8.88
CA SER A 553 25.75 -17.01 -9.83
C SER A 553 26.17 -15.64 -10.37
N ALA A 554 27.34 -15.56 -11.06
CA ALA A 554 27.86 -14.32 -11.63
C ALA A 554 26.92 -13.70 -12.68
N SER A 555 26.15 -14.54 -13.39
CA SER A 555 25.20 -14.15 -14.43
C SER A 555 23.86 -13.61 -13.92
N GLU A 556 23.38 -14.11 -12.76
CA GLU A 556 22.12 -13.69 -12.14
C GLU A 556 22.15 -12.26 -11.58
N GLU A 557 23.37 -11.74 -11.29
CA GLU A 557 23.59 -10.39 -10.77
C GLU A 557 23.47 -9.30 -11.86
N ALA A 558 23.31 -9.70 -13.13
CA ALA A 558 23.16 -8.80 -14.27
C ALA A 558 21.78 -8.12 -14.32
N CYS A 559 20.69 -8.89 -14.20
CA CYS A 559 19.32 -8.35 -14.26
C CYS A 559 18.77 -7.88 -12.89
N PRO A 560 17.76 -6.96 -12.85
CA PRO A 560 17.24 -6.48 -11.57
C PRO A 560 16.55 -7.53 -10.71
N ARG A 561 16.71 -7.40 -9.38
CA ARG A 561 16.18 -8.25 -8.32
C ARG A 561 14.71 -8.67 -8.51
N LEU A 562 13.85 -7.67 -8.77
CA LEU A 562 12.39 -7.79 -8.84
C LEU A 562 11.80 -8.19 -10.22
N ILE A 563 12.65 -8.46 -11.24
CA ILE A 563 12.15 -8.89 -12.56
C ILE A 563 12.36 -10.39 -12.78
N SER A 564 13.56 -10.86 -12.44
CA SER A 564 14.01 -12.24 -12.57
C SER A 564 13.26 -13.27 -11.70
N LEU A 565 13.63 -14.54 -11.88
CA LEU A 565 13.20 -15.69 -11.09
C LEU A 565 14.16 -15.66 -9.86
N PRO A 566 13.81 -16.12 -8.63
CA PRO A 566 12.60 -16.82 -8.20
C PRO A 566 11.31 -16.02 -8.25
N TYR A 567 10.21 -16.70 -8.54
CA TYR A 567 8.87 -16.11 -8.64
C TYR A 567 7.93 -16.75 -7.62
N LEU A 568 7.47 -15.95 -6.64
CA LEU A 568 6.55 -16.36 -5.58
C LEU A 568 5.10 -16.04 -5.96
N TRP A 569 4.19 -17.03 -5.80
CA TRP A 569 2.77 -16.82 -6.07
C TRP A 569 1.91 -17.65 -5.09
N ASN A 570 0.64 -17.23 -4.94
CA ASN A 570 -0.33 -17.77 -3.97
C ASN A 570 -1.09 -19.03 -4.39
N ASP A 571 -1.48 -19.20 -5.68
CA ASP A 571 -2.29 -20.34 -6.15
C ASP A 571 -3.56 -20.52 -5.26
N LYS A 572 -4.43 -19.49 -5.30
CA LYS A 572 -5.67 -19.35 -4.51
C LYS A 572 -6.65 -20.54 -4.62
N SER A 573 -6.60 -21.27 -5.75
CA SER A 573 -7.44 -22.42 -6.05
C SER A 573 -7.17 -23.63 -5.14
N GLN A 574 -5.89 -23.99 -4.94
CA GLN A 574 -5.50 -25.12 -4.09
C GLN A 574 -4.91 -24.67 -2.75
N ASN A 575 -4.72 -23.34 -2.56
CA ASN A 575 -4.15 -22.69 -1.37
C ASN A 575 -2.73 -23.23 -1.11
N LEU A 576 -1.80 -22.89 -2.02
CA LEU A 576 -0.41 -23.35 -2.05
C LEU A 576 0.60 -22.22 -2.36
N HIS A 577 1.57 -21.96 -1.45
CA HIS A 577 2.65 -21.00 -1.67
C HIS A 577 3.63 -21.67 -2.63
N CYS A 578 3.77 -21.13 -3.86
CA CYS A 578 4.62 -21.70 -4.89
C CYS A 578 5.78 -20.82 -5.29
N VAL A 579 6.94 -21.45 -5.58
CA VAL A 579 8.17 -20.78 -6.01
C VAL A 579 8.79 -21.51 -7.21
N MSE A 580 9.15 -20.76 -8.26
CA MSE A 580 9.84 -21.26 -9.44
C MSE A 580 11.18 -20.59 -9.46
O MSE A 580 11.26 -19.37 -9.64
CB MSE A 580 9.06 -20.99 -10.72
CG MSE A 580 7.96 -22.00 -10.96
SE MSE A 580 7.08 -21.78 -12.67
CE MSE A 580 6.40 -19.93 -12.48
N PHE A 581 12.24 -21.36 -9.21
CA PHE A 581 13.60 -20.85 -9.13
C PHE A 581 14.58 -21.59 -10.02
N ARG A 582 15.71 -20.93 -10.29
CA ARG A 582 16.77 -21.43 -11.16
C ARG A 582 18.05 -21.63 -10.35
N MSE A 583 18.55 -22.87 -10.29
CA MSE A 583 19.81 -23.21 -9.62
C MSE A 583 20.81 -23.50 -10.72
O MSE A 583 20.97 -24.66 -11.13
CB MSE A 583 19.64 -24.43 -8.69
CG MSE A 583 18.85 -24.14 -7.45
SE MSE A 583 18.87 -25.69 -6.30
CE MSE A 583 18.14 -24.86 -4.81
N LEU A 584 21.46 -22.44 -11.25
CA LEU A 584 22.40 -22.52 -12.37
C LEU A 584 23.62 -23.40 -12.12
N GLU A 585 24.07 -23.50 -10.84
CA GLU A 585 25.22 -24.32 -10.46
C GLU A 585 24.92 -25.82 -10.56
N SER A 586 23.64 -26.20 -10.34
CA SER A 586 23.20 -27.59 -10.44
C SER A 586 22.89 -27.96 -11.90
N SER A 587 22.11 -27.11 -12.59
CA SER A 587 21.70 -27.29 -13.99
C SER A 587 21.40 -25.96 -14.68
N SER A 588 21.74 -25.85 -15.97
CA SER A 588 21.54 -24.65 -16.79
C SER A 588 20.20 -24.58 -17.52
N SER A 589 19.54 -25.75 -17.74
CA SER A 589 18.27 -25.86 -18.47
C SER A 589 17.05 -26.24 -17.60
N LYS A 590 17.27 -26.63 -16.34
CA LYS A 590 16.19 -27.04 -15.43
C LYS A 590 15.60 -25.90 -14.61
N VAL A 591 14.26 -25.92 -14.46
CA VAL A 591 13.51 -24.98 -13.63
C VAL A 591 12.93 -25.77 -12.45
N PHE A 592 13.21 -25.28 -11.23
CA PHE A 592 12.79 -25.95 -10.00
C PHE A 592 11.50 -25.35 -9.46
N ILE A 593 10.57 -26.20 -9.02
CA ILE A 593 9.28 -25.72 -8.53
C ILE A 593 8.98 -26.29 -7.13
N LEU A 594 8.93 -25.38 -6.13
CA LEU A 594 8.63 -25.72 -4.75
C LEU A 594 7.25 -25.21 -4.39
N ARG A 595 6.40 -26.08 -3.86
CA ARG A 595 5.05 -25.71 -3.46
C ARG A 595 4.74 -26.21 -2.06
N GLN A 596 4.35 -25.29 -1.17
CA GLN A 596 4.05 -25.62 0.22
C GLN A 596 2.62 -25.14 0.56
N PRO A 597 1.81 -25.89 1.32
CA PRO A 597 0.43 -25.43 1.59
C PRO A 597 0.37 -24.22 2.52
N THR A 598 -0.72 -23.43 2.42
CA THR A 598 -0.96 -22.25 3.27
C THR A 598 -1.12 -22.70 4.71
N ASP A 599 -1.89 -23.78 4.94
CA ASP A 599 -2.04 -24.40 6.26
C ASP A 599 -0.86 -25.34 6.42
N LEU A 600 0.10 -24.99 7.30
CA LEU A 600 1.34 -25.75 7.53
C LEU A 600 1.11 -27.16 8.07
N SER A 601 0.03 -27.36 8.84
CA SER A 601 -0.35 -28.64 9.41
C SER A 601 -0.68 -29.67 8.32
N ARG A 602 -1.05 -29.19 7.12
CA ARG A 602 -1.34 -30.01 5.96
C ARG A 602 -0.03 -30.54 5.36
N SER A 603 -0.05 -31.80 4.88
CA SER A 603 1.10 -32.43 4.25
C SER A 603 0.89 -32.42 2.74
N ILE A 604 1.78 -31.74 2.00
CA ILE A 604 1.66 -31.65 0.54
C ILE A 604 2.33 -32.85 -0.14
N ASN A 605 1.80 -33.24 -1.33
CA ASN A 605 2.24 -34.38 -2.13
C ASN A 605 3.62 -34.19 -2.76
N GLU A 606 3.73 -33.42 -3.86
CA GLU A 606 4.99 -33.18 -4.55
C GLU A 606 5.54 -31.80 -4.21
N ALA A 607 6.07 -31.68 -2.98
CA ALA A 607 6.62 -30.46 -2.38
C ALA A 607 7.65 -29.76 -3.26
N LEU A 608 8.54 -30.54 -3.92
CA LEU A 608 9.60 -29.99 -4.77
C LEU A 608 9.92 -30.90 -5.95
N LEU A 609 10.01 -30.31 -7.16
CA LEU A 609 10.32 -30.99 -8.41
C LEU A 609 11.26 -30.15 -9.28
N ALA A 610 11.98 -30.82 -10.20
CA ALA A 610 12.89 -30.20 -11.16
C ALA A 610 12.34 -30.53 -12.55
N VAL A 611 11.56 -29.60 -13.11
CA VAL A 611 10.91 -29.80 -14.40
C VAL A 611 11.76 -29.37 -15.58
N THR A 612 12.02 -30.33 -16.49
CA THR A 612 12.75 -30.11 -17.74
C THR A 612 11.67 -29.84 -18.78
N ILE A 613 11.70 -28.64 -19.35
CA ILE A 613 10.73 -28.12 -20.30
C ILE A 613 11.23 -28.21 -21.75
N GLY A 614 10.47 -28.92 -22.56
CA GLY A 614 10.89 -29.33 -23.89
C GLY A 614 9.82 -29.19 -24.95
N SER A 628 13.75 -29.13 -29.38
CA SER A 628 12.78 -28.70 -28.37
C SER A 628 13.06 -27.27 -27.86
N SER A 629 12.39 -26.86 -26.75
CA SER A 629 12.53 -25.53 -26.14
C SER A 629 13.59 -25.45 -25.02
N TYR A 630 14.04 -26.62 -24.53
CA TYR A 630 15.11 -26.84 -23.52
C TYR A 630 15.13 -25.85 -22.31
N SER A 631 15.93 -24.76 -22.42
CA SER A 631 16.19 -23.77 -21.37
C SER A 631 15.05 -22.77 -21.12
N CYS A 632 14.64 -22.65 -19.83
CA CYS A 632 13.60 -21.72 -19.38
C CYS A 632 14.27 -20.49 -18.74
N LEU A 633 13.96 -19.29 -19.27
CA LEU A 633 14.52 -18.02 -18.80
C LEU A 633 13.62 -17.37 -17.76
N ASP A 634 12.33 -17.17 -18.09
CA ASP A 634 11.34 -16.60 -17.19
C ASP A 634 10.05 -17.40 -17.26
N ALA A 635 9.38 -17.52 -16.12
CA ALA A 635 8.10 -18.22 -15.98
C ALA A 635 7.22 -17.45 -15.00
N ARG A 636 5.95 -17.19 -15.37
CA ARG A 636 5.00 -16.43 -14.56
C ARG A 636 3.62 -17.06 -14.52
N PHE A 637 2.91 -16.92 -13.38
CA PHE A 637 1.56 -17.46 -13.21
C PHE A 637 0.56 -16.66 -14.03
N TYR A 638 -0.27 -17.39 -14.78
CA TYR A 638 -1.28 -16.82 -15.66
C TYR A 638 -2.70 -17.21 -15.20
N ASP A 639 -3.22 -18.37 -15.66
CA ASP A 639 -4.56 -18.86 -15.33
C ASP A 639 -4.46 -20.14 -14.50
N GLU A 640 -5.46 -20.38 -13.63
CA GLU A 640 -5.62 -21.54 -12.73
C GLU A 640 -4.44 -22.55 -12.67
N ASP A 641 -4.23 -23.37 -13.74
CA ASP A 641 -3.18 -24.39 -13.81
C ASP A 641 -2.06 -24.13 -14.83
N ILE A 642 -2.15 -23.04 -15.63
CA ILE A 642 -1.15 -22.75 -16.65
C ILE A 642 -0.27 -21.54 -16.33
N ILE A 643 1.03 -21.67 -16.66
CA ILE A 643 2.06 -20.65 -16.46
C ILE A 643 2.66 -20.22 -17.80
N THR A 644 2.83 -18.90 -17.99
CA THR A 644 3.46 -18.34 -19.20
C THR A 644 4.96 -18.60 -19.04
N VAL A 645 5.65 -18.96 -20.14
CA VAL A 645 7.07 -19.29 -20.08
C VAL A 645 7.85 -18.76 -21.31
N VAL A 646 8.98 -18.05 -21.06
CA VAL A 646 9.93 -17.56 -22.06
C VAL A 646 11.03 -18.60 -22.15
N LEU A 647 11.32 -19.11 -23.35
CA LEU A 647 12.28 -20.19 -23.55
C LEU A 647 13.44 -19.89 -24.52
N ARG A 648 14.51 -20.72 -24.45
CA ARG A 648 15.71 -20.64 -25.27
C ARG A 648 15.88 -21.93 -26.10
N ASP A 649 15.36 -21.90 -27.34
CA ASP A 649 15.36 -23.00 -28.31
C ASP A 649 16.78 -23.41 -28.76
N ASN A 650 16.88 -24.56 -29.45
CA ASN A 650 18.14 -25.11 -29.97
C ASN A 650 18.71 -24.29 -31.14
N SER A 651 17.84 -23.69 -31.99
CA SER A 651 18.24 -22.86 -33.14
C SER A 651 18.93 -21.56 -32.68
N GLU A 652 20.12 -21.29 -33.25
CA GLU A 652 20.98 -20.15 -32.90
C GLU A 652 20.48 -18.74 -33.33
N PRO A 653 19.90 -18.48 -34.55
CA PRO A 653 19.49 -17.11 -34.87
C PRO A 653 18.33 -16.57 -34.02
N GLU A 654 17.21 -17.32 -33.97
CA GLU A 654 16.01 -16.98 -33.20
C GLU A 654 15.83 -18.01 -32.07
N GLY A 655 16.46 -17.72 -30.93
CA GLY A 655 16.44 -18.58 -29.76
C GLY A 655 15.31 -18.32 -28.79
N LYS A 656 14.92 -17.03 -28.65
CA LYS A 656 13.87 -16.58 -27.72
C LYS A 656 12.45 -16.86 -28.24
N ASP A 657 11.65 -17.65 -27.48
CA ASP A 657 10.26 -17.98 -27.81
C ASP A 657 9.37 -18.18 -26.58
N ARG A 658 8.20 -17.53 -26.60
CA ARG A 658 7.21 -17.58 -25.51
C ARG A 658 6.00 -18.46 -25.82
N VAL A 659 5.46 -19.11 -24.78
CA VAL A 659 4.33 -20.05 -24.83
C VAL A 659 3.77 -20.26 -23.40
N LEU A 660 2.60 -20.92 -23.27
CA LEU A 660 1.96 -21.26 -22.01
C LEU A 660 2.20 -22.75 -21.73
N SER A 661 2.52 -23.10 -20.48
CA SER A 661 2.79 -24.48 -20.05
C SER A 661 1.77 -24.94 -19.03
N GLN A 662 1.30 -26.20 -19.16
CA GLN A 662 0.30 -26.82 -18.27
C GLN A 662 1.02 -27.51 -17.11
N LEU A 663 0.86 -26.98 -15.87
CA LEU A 663 1.51 -27.53 -14.67
C LEU A 663 0.97 -28.89 -14.21
N SER A 664 -0.18 -29.32 -14.75
CA SER A 664 -0.87 -30.59 -14.44
C SER A 664 -0.02 -31.82 -14.73
N LEU A 665 0.81 -31.76 -15.79
CA LEU A 665 1.69 -32.83 -16.26
C LEU A 665 2.70 -33.37 -15.24
N SER A 666 3.14 -32.53 -14.28
CA SER A 666 4.19 -32.90 -13.34
C SER A 666 3.76 -33.29 -11.91
N GLN A 667 2.80 -32.55 -11.30
CA GLN A 667 2.35 -32.70 -9.91
C GLN A 667 2.06 -34.15 -9.44
N LEU A 668 1.48 -35.00 -10.32
CA LEU A 668 1.15 -36.42 -10.11
C LEU A 668 0.15 -36.75 -8.99
N TYR A 669 -0.08 -35.82 -8.02
CA TYR A 669 -1.05 -35.90 -6.90
C TYR A 669 -1.20 -37.32 -6.24
N SER A 670 -0.10 -38.09 -6.20
CA SER A 670 -0.03 -39.44 -5.63
C SER A 670 1.39 -39.70 -5.10
N ASP A 671 1.52 -40.20 -3.85
CA ASP A 671 2.81 -40.46 -3.20
C ASP A 671 3.62 -41.56 -3.92
N GLU A 672 4.84 -41.20 -4.37
CA GLU A 672 5.76 -42.09 -5.08
C GLU A 672 6.72 -42.77 -4.09
N GLU A 673 6.53 -44.10 -3.91
CA GLU A 673 7.29 -44.96 -2.98
C GLU A 673 7.22 -44.46 -1.52
N THR A 674 6.03 -43.95 -1.11
CA THR A 674 5.69 -43.36 0.20
C THR A 674 6.64 -42.19 0.54
N GLU A 675 7.03 -41.40 -0.50
CA GLU A 675 7.93 -40.27 -0.37
C GLU A 675 7.30 -39.00 -0.92
N ASP A 676 7.27 -37.94 -0.10
CA ASP A 676 6.71 -36.64 -0.46
C ASP A 676 7.83 -35.58 -0.67
N GLU A 677 9.09 -36.07 -0.88
CA GLU A 677 10.32 -35.29 -1.04
C GLU A 677 10.52 -34.34 0.17
N PHE A 678 10.54 -34.94 1.36
CA PHE A 678 10.75 -34.31 2.67
C PHE A 678 12.09 -34.80 3.19
N THR A 679 12.70 -35.75 2.45
CA THR A 679 13.98 -36.41 2.73
C THR A 679 15.20 -35.48 2.68
N TRP A 680 15.05 -34.27 2.12
CA TRP A 680 16.17 -33.34 2.04
C TRP A 680 16.38 -32.54 3.32
N ASP A 681 17.66 -32.36 3.70
CA ASP A 681 18.12 -31.64 4.89
C ASP A 681 17.89 -30.13 4.70
N THR A 682 16.95 -29.57 5.47
CA THR A 682 16.55 -28.16 5.41
C THR A 682 17.51 -27.22 6.19
N SER A 683 18.62 -27.76 6.71
CA SER A 683 19.63 -26.97 7.42
C SER A 683 20.80 -26.67 6.49
N LYS A 684 20.89 -27.44 5.40
CA LYS A 684 21.88 -27.31 4.33
C LYS A 684 21.16 -26.79 3.09
N ARG A 685 21.86 -26.02 2.23
CA ARG A 685 21.27 -25.48 1.00
C ARG A 685 20.78 -26.59 0.08
N LEU A 686 19.62 -26.38 -0.56
CA LEU A 686 19.01 -27.36 -1.46
C LEU A 686 19.91 -27.67 -2.66
N GLU A 687 20.77 -26.72 -3.04
CA GLU A 687 21.76 -26.80 -4.11
C GLU A 687 22.74 -27.97 -3.85
N GLU A 688 23.12 -28.16 -2.56
CA GLU A 688 24.03 -29.22 -2.10
C GLU A 688 23.46 -30.62 -2.26
N GLN A 689 22.12 -30.75 -2.23
CA GLN A 689 21.42 -32.03 -2.37
C GLN A 689 20.53 -32.08 -3.66
N HIS A 690 21.05 -31.50 -4.76
CA HIS A 690 20.38 -31.45 -6.07
C HIS A 690 20.46 -32.80 -6.81
N SER A 691 21.43 -33.64 -6.42
CA SER A 691 21.73 -34.94 -7.03
C SER A 691 20.59 -35.95 -6.87
N ASP A 692 19.88 -35.91 -5.73
CA ASP A 692 18.80 -36.83 -5.41
C ASP A 692 17.39 -36.23 -5.60
N ILE A 693 17.31 -35.03 -6.22
CA ILE A 693 16.07 -34.30 -6.52
C ILE A 693 15.15 -35.11 -7.48
N PRO A 694 13.80 -35.09 -7.33
CA PRO A 694 12.95 -35.86 -8.26
C PRO A 694 12.74 -35.12 -9.58
N THR A 695 13.32 -35.67 -10.66
CA THR A 695 13.28 -35.10 -12.01
C THR A 695 11.96 -35.43 -12.74
N ARG A 696 11.47 -34.46 -13.53
CA ARG A 696 10.26 -34.56 -14.34
C ARG A 696 10.46 -33.87 -15.69
N THR A 697 9.76 -34.33 -16.74
CA THR A 697 9.82 -33.74 -18.08
C THR A 697 8.42 -33.31 -18.53
N VAL A 698 8.20 -31.98 -18.61
CA VAL A 698 6.93 -31.39 -19.01
C VAL A 698 6.93 -31.01 -20.51
N PHE A 699 5.75 -31.11 -21.15
CA PHE A 699 5.56 -30.78 -22.57
C PHE A 699 4.66 -29.56 -22.74
N LEU A 700 4.92 -28.76 -23.78
CA LEU A 700 4.20 -27.53 -24.07
C LEU A 700 2.93 -27.73 -24.88
N GLU A 701 2.01 -26.74 -24.83
CA GLU A 701 0.75 -26.74 -25.58
C GLU A 701 1.03 -26.71 -27.09
N ASN A 702 2.03 -25.90 -27.49
CA ASN A 702 2.53 -25.75 -28.85
C ASN A 702 4.06 -25.77 -28.73
N GLN A 703 4.72 -26.74 -29.40
CA GLN A 703 6.18 -26.92 -29.37
C GLN A 703 6.94 -25.66 -29.83
N GLY A 704 6.46 -25.06 -30.92
CA GLY A 704 7.00 -23.83 -31.48
C GLY A 704 5.89 -22.82 -31.62
N ARG A 705 5.48 -22.21 -30.48
CA ARG A 705 4.39 -21.23 -30.43
C ARG A 705 4.78 -19.88 -31.04
N LEU A 706 5.08 -18.87 -30.19
CA LEU A 706 5.45 -17.55 -30.69
C LEU A 706 6.92 -17.23 -30.43
N LEU A 707 7.66 -16.99 -31.52
CA LEU A 707 9.08 -16.63 -31.49
C LEU A 707 9.27 -15.14 -31.84
N GLU A 708 10.40 -14.56 -31.43
CA GLU A 708 10.71 -13.14 -31.65
C GLU A 708 12.20 -12.87 -31.92
N ASN A 709 12.49 -11.98 -32.91
CA ASN A 709 13.85 -11.58 -33.32
C ASN A 709 14.65 -10.86 -32.21
N MSE A 710 13.95 -10.34 -31.19
CA MSE A 710 14.52 -9.67 -30.02
C MSE A 710 15.10 -10.67 -29.01
O MSE A 710 14.86 -11.88 -29.14
CB MSE A 710 13.43 -8.82 -29.32
CG MSE A 710 12.29 -9.64 -28.71
SE MSE A 710 11.27 -8.69 -27.35
CE MSE A 710 9.95 -10.00 -27.05
N LYS A 711 15.83 -10.17 -28.00
CA LYS A 711 16.40 -11.01 -26.94
C LYS A 711 15.54 -10.83 -25.67
N ALA A 712 14.38 -11.54 -25.65
CA ALA A 712 13.33 -11.50 -24.61
C ALA A 712 13.82 -11.68 -23.17
N HIS A 713 13.78 -12.92 -22.63
CA HIS A 713 14.21 -13.31 -21.26
C HIS A 713 13.19 -13.05 -20.14
N TYR A 714 12.24 -12.07 -20.27
CA TYR A 714 11.27 -11.76 -19.18
C TYR A 714 9.83 -11.49 -19.61
N VAL A 715 8.83 -11.85 -18.75
CA VAL A 715 7.40 -11.61 -18.99
C VAL A 715 6.62 -11.11 -17.77
N SER A 716 5.52 -10.40 -18.03
CA SER A 716 4.54 -9.88 -17.07
C SER A 716 3.18 -10.20 -17.66
N VAL A 717 2.35 -10.97 -16.93
CA VAL A 717 1.05 -11.43 -17.44
C VAL A 717 -0.13 -11.10 -16.50
N ASN A 718 -1.35 -11.12 -17.09
CA ASN A 718 -2.62 -10.96 -16.36
C ASN A 718 -3.62 -11.97 -16.93
N GLY A 719 -3.86 -13.01 -16.14
CA GLY A 719 -4.72 -14.14 -16.47
C GLY A 719 -6.14 -13.81 -16.89
N ILE A 720 -6.85 -12.99 -16.08
CA ILE A 720 -8.25 -12.65 -16.37
C ILE A 720 -8.38 -11.65 -17.53
N ARG A 721 -7.40 -10.73 -17.71
CA ARG A 721 -7.46 -9.76 -18.81
C ARG A 721 -6.82 -10.30 -20.10
N LYS A 722 -6.20 -11.51 -20.04
CA LYS A 722 -5.56 -12.22 -21.15
C LYS A 722 -4.50 -11.36 -21.89
N VAL A 723 -3.66 -10.65 -21.11
CA VAL A 723 -2.61 -9.76 -21.61
C VAL A 723 -1.22 -10.20 -21.17
N ALA A 724 -0.19 -9.80 -21.94
CA ALA A 724 1.21 -10.11 -21.66
C ALA A 724 2.12 -8.97 -22.07
N CYS A 725 3.27 -8.84 -21.39
CA CYS A 725 4.26 -7.79 -21.61
C CYS A 725 5.66 -8.40 -21.58
N VAL A 726 6.29 -8.51 -22.78
CA VAL A 726 7.62 -9.11 -22.90
C VAL A 726 8.72 -8.07 -22.93
N LEU A 727 9.48 -7.96 -21.83
CA LEU A 727 10.60 -7.05 -21.71
C LEU A 727 11.86 -7.75 -22.18
N SER A 728 12.68 -7.05 -22.99
CA SER A 728 13.93 -7.58 -23.51
C SER A 728 15.06 -7.51 -22.48
N SER A 729 15.98 -8.47 -22.53
CA SER A 729 17.15 -8.59 -21.67
C SER A 729 18.08 -7.40 -21.85
N ASN A 730 18.16 -6.53 -20.83
CA ASN A 730 19.00 -5.32 -20.77
C ASN A 730 18.61 -4.20 -21.75
N LEU A 731 18.19 -4.56 -22.97
CA LEU A 731 17.83 -3.65 -24.06
C LEU A 731 16.61 -2.78 -23.77
N ARG A 732 15.72 -3.27 -22.88
CA ARG A 732 14.50 -2.64 -22.39
C ARG A 732 13.59 -2.13 -23.51
N HIS A 733 13.36 -3.03 -24.46
CA HIS A 733 12.46 -2.89 -25.58
C HIS A 733 11.30 -3.80 -25.19
N VAL A 734 10.09 -3.26 -25.22
CA VAL A 734 8.92 -4.02 -24.80
C VAL A 734 8.01 -4.40 -26.00
N ARG A 735 7.51 -5.64 -25.98
CA ARG A 735 6.65 -6.26 -26.99
C ARG A 735 5.42 -6.84 -26.28
N VAL A 736 4.22 -6.26 -26.51
CA VAL A 736 2.99 -6.74 -25.84
C VAL A 736 2.16 -7.64 -26.74
N PHE A 737 1.57 -8.70 -26.15
CA PHE A 737 0.77 -9.68 -26.87
C PHE A 737 -0.50 -10.06 -26.10
N GLU A 738 -1.64 -10.17 -26.81
CA GLU A 738 -2.88 -10.62 -26.19
C GLU A 738 -3.10 -12.10 -26.46
N MSE A 739 -3.39 -12.85 -25.39
CA MSE A 739 -3.59 -14.30 -25.40
C MSE A 739 -5.02 -14.72 -25.80
O MSE A 739 -5.28 -15.92 -25.98
CB MSE A 739 -3.20 -14.88 -24.03
CG MSE A 739 -1.73 -15.31 -23.91
SE MSE A 739 -0.32 -14.00 -24.31
CE MSE A 739 1.16 -15.02 -23.61
N ASP A 740 -5.93 -13.74 -25.95
CA ASP A 740 -7.33 -13.92 -26.35
C ASP A 740 -7.42 -14.35 -27.82
#